data_1NVV
#
_entry.id   1NVV
#
_cell.length_a   184.163
_cell.length_b   184.163
_cell.length_c   179.076
_cell.angle_alpha   90.00
_cell.angle_beta   90.00
_cell.angle_gamma   90.00
#
_symmetry.space_group_name_H-M   'I 4 2 2'
#
loop_
_entity.id
_entity.type
_entity.pdbx_description
1 polymer 'Transforming protein p21/H-RAS-1'
2 polymer 'Transforming protein p21/H-RAS-1'
3 polymer 'Son of sevenless protein homolog 1'
4 non-polymer 'MAGNESIUM ION'
5 non-polymer 'PHOSPHATE ION'
6 non-polymer 'PHOSPHOAMINOPHOSPHONIC ACID-GUANYLATE ESTER'
7 water water
#
loop_
_entity_poly.entity_id
_entity_poly.type
_entity_poly.pdbx_seq_one_letter_code
_entity_poly.pdbx_strand_id
1 'polypeptide(L)'
;MTEYKLVVVGAGGVGKSALTIQLIQNHFVDEYDPTIEDSYRKQVVIDGETCLLDILDTAGQEEASAMRDQYMRTGEGFLC
VFAINNTKSFEDIHQYREQIKRVKDSDDVPMVLVGNKCDLAARTVESRQAQDLARSYGIPYIETSAKTRQGVEDAFYTLV
REIRQH
;
Q
2 'polypeptide(L)'
;MTEYKLVVVGAGGVGKSALTIQLIQNHFVDEYDPTIEDSYRKQVVIDGETCLLDILDTAGQEEYSAMRDQYMRTGEGFLC
VFAINNTKSFEDIHQYREQIKRVKDSDDVPMVLVGNKCDLAARTVESRQAQDLARSYGIPYIETSAKTRQGVEDAFYTLV
REIRQH
;
R
3 'polypeptide(L)'
;QMRLPSADVYRFAEPDSEENIIFEENMQPKAGIPIIKAGTVIKLIERLTYHMYADPNFVRTFLTTYRSFCKPQELLSLII
ERFEIPEPEPTEADRIAIENGDQPLSAELKRFRKEYIQPVQLRVLNVCRHWVEHHFYDFERDAYLLQRMEEFIGTVRGKA
MKKWVESITKIIQRKKIARDNGPGHNITFQSSPPTVEWHISRPGHIETFDLLTLHPIEIARQLTLLESDLYRAVQPSELV
GSVWTKEDKEINSPNLLKMIRHTTNLTLWFEKCIVETENLEERVAVVSRIIEILQVFQELNNFNGVLEVVSAMNSSPVYR
LDHTFEQIPSRQKKILEEAHELSEDHYKKYLAKLRSINPPCVPFFGIYLTNILKTEEGNPEVLKRHGKELINFSKRRKVA
EITGEIQQYQNQPYCLRVESDIKRFFENLNPMGNSMEKEFTDYLFNKSLEIEPRNPKPLPRFPKKYSYPLKSPGVRPSNP
R
;
S
#
loop_
_chem_comp.id
_chem_comp.type
_chem_comp.name
_chem_comp.formula
GNP non-polymer 'PHOSPHOAMINOPHOSPHONIC ACID-GUANYLATE ESTER' 'C10 H17 N6 O13 P3'
MG non-polymer 'MAGNESIUM ION' 'Mg 2'
PO4 non-polymer 'PHOSPHATE ION' 'O4 P -3'
#
# COMPACT_ATOMS: atom_id res chain seq x y z
N MET A 1 9.83 -4.00 14.77
CA MET A 1 8.56 -4.70 15.14
C MET A 1 8.62 -6.22 14.97
N THR A 2 7.88 -6.92 15.82
CA THR A 2 7.84 -8.38 15.79
C THR A 2 6.63 -8.91 15.04
N GLU A 3 6.82 -9.99 14.29
CA GLU A 3 5.76 -10.61 13.52
C GLU A 3 5.21 -11.85 14.25
N TYR A 4 3.90 -12.04 14.17
CA TYR A 4 3.24 -13.18 14.83
C TYR A 4 2.26 -13.85 13.87
N LYS A 5 2.41 -15.16 13.70
CA LYS A 5 1.52 -15.91 12.82
C LYS A 5 0.43 -16.62 13.62
N LEU A 6 -0.77 -16.06 13.55
CA LEU A 6 -1.93 -16.58 14.23
C LEU A 6 -2.80 -17.36 13.22
N VAL A 7 -3.43 -18.41 13.72
CA VAL A 7 -4.30 -19.26 12.93
C VAL A 7 -5.64 -19.43 13.65
N VAL A 8 -6.73 -19.19 12.92
CA VAL A 8 -8.06 -19.31 13.48
C VAL A 8 -8.70 -20.60 12.95
N VAL A 9 -8.96 -21.53 13.86
CA VAL A 9 -9.54 -22.81 13.52
C VAL A 9 -10.84 -23.07 14.30
N GLY A 10 -11.61 -24.05 13.83
CA GLY A 10 -12.89 -24.38 14.45
C GLY A 10 -13.89 -24.90 13.42
N ALA A 11 -15.00 -25.46 13.91
CA ALA A 11 -16.04 -26.01 13.04
C ALA A 11 -16.59 -24.95 12.08
N GLY A 12 -17.18 -25.39 10.98
CA GLY A 12 -17.74 -24.47 10.02
C GLY A 12 -18.89 -23.67 10.59
N GLY A 13 -18.94 -22.37 10.28
CA GLY A 13 -20.03 -21.53 10.75
C GLY A 13 -19.96 -20.94 12.16
N VAL A 14 -18.91 -21.23 12.92
CA VAL A 14 -18.79 -20.68 14.27
C VAL A 14 -18.49 -19.20 14.29
N GLY A 15 -17.93 -18.68 13.19
CA GLY A 15 -17.64 -17.25 13.11
C GLY A 15 -16.16 -16.92 13.07
N LYS A 16 -15.36 -17.83 12.53
CA LYS A 16 -13.92 -17.62 12.44
C LYS A 16 -13.64 -16.37 11.59
N SER A 17 -14.33 -16.27 10.45
CA SER A 17 -14.18 -15.15 9.52
C SER A 17 -14.73 -13.84 10.08
N ALA A 18 -15.87 -13.91 10.76
CA ALA A 18 -16.50 -12.72 11.31
C ALA A 18 -15.62 -12.10 12.40
N LEU A 19 -15.03 -12.93 13.25
CA LEU A 19 -14.15 -12.45 14.31
C LEU A 19 -12.96 -11.75 13.65
N THR A 20 -12.38 -12.43 12.66
CA THR A 20 -11.21 -11.90 11.95
C THR A 20 -11.48 -10.56 11.26
N ILE A 21 -12.59 -10.46 10.54
CA ILE A 21 -12.93 -9.24 9.81
C ILE A 21 -13.33 -8.10 10.75
N GLN A 22 -13.92 -8.44 11.88
CA GLN A 22 -14.32 -7.46 12.88
C GLN A 22 -13.04 -6.86 13.46
N LEU A 23 -12.02 -7.68 13.64
CA LEU A 23 -10.74 -7.22 14.17
C LEU A 23 -9.97 -6.39 13.15
N ILE A 24 -10.00 -6.81 11.88
CA ILE A 24 -9.26 -6.14 10.81
C ILE A 24 -9.90 -4.86 10.27
N GLN A 25 -11.21 -4.90 10.09
CA GLN A 25 -11.93 -3.76 9.53
C GLN A 25 -12.98 -3.10 10.42
N ASN A 26 -13.23 -3.64 11.61
CA ASN A 26 -14.23 -3.10 12.51
C ASN A 26 -15.61 -3.20 11.85
N HIS A 27 -15.76 -4.25 11.06
CA HIS A 27 -17.00 -4.49 10.31
C HIS A 27 -17.53 -5.90 10.60
N PHE A 28 -18.83 -6.03 10.77
CA PHE A 28 -19.45 -7.33 11.01
C PHE A 28 -20.06 -7.91 9.73
N VAL A 29 -19.56 -9.07 9.34
CA VAL A 29 -20.04 -9.75 8.15
C VAL A 29 -21.29 -10.58 8.48
N ASP A 30 -22.44 -10.21 7.91
CA ASP A 30 -23.66 -10.96 8.16
C ASP A 30 -23.86 -12.14 7.21
N GLU A 31 -23.20 -12.07 6.05
CA GLU A 31 -23.29 -13.14 5.07
C GLU A 31 -22.48 -14.36 5.50
N TYR A 32 -22.89 -15.53 5.01
CA TYR A 32 -22.19 -16.75 5.36
C TYR A 32 -21.58 -17.36 4.10
N ASP A 33 -20.33 -16.97 3.82
CA ASP A 33 -19.60 -17.50 2.67
C ASP A 33 -18.46 -18.38 3.22
N PRO A 34 -18.59 -19.70 3.07
CA PRO A 34 -17.59 -20.67 3.54
C PRO A 34 -16.20 -20.35 3.06
N THR A 35 -15.27 -20.36 4.01
CA THR A 35 -13.89 -20.06 3.70
C THR A 35 -13.14 -21.27 3.15
N ILE A 36 -12.16 -21.00 2.29
CA ILE A 36 -11.32 -22.04 1.76
C ILE A 36 -9.99 -21.78 2.47
N GLU A 37 -9.42 -20.60 2.23
CA GLU A 37 -8.16 -20.19 2.86
C GLU A 37 -7.97 -18.68 2.64
N ASP A 38 -7.83 -17.94 3.73
CA ASP A 38 -7.63 -16.48 3.67
C ASP A 38 -6.65 -15.96 4.71
N SER A 39 -5.90 -14.94 4.32
CA SER A 39 -4.88 -14.34 5.18
C SER A 39 -5.07 -12.84 5.34
N TYR A 40 -4.81 -12.33 6.54
CA TYR A 40 -4.95 -10.91 6.80
C TYR A 40 -3.72 -10.39 7.53
N ARG A 41 -3.46 -9.10 7.38
CA ARG A 41 -2.30 -8.47 8.00
C ARG A 41 -2.79 -7.31 8.89
N LYS A 42 -2.19 -7.13 10.06
CA LYS A 42 -2.58 -6.06 10.97
C LYS A 42 -1.43 -5.54 11.84
N GLN A 43 -1.13 -4.25 11.69
CA GLN A 43 -0.09 -3.62 12.51
C GLN A 43 -0.79 -3.06 13.74
N VAL A 44 -0.31 -3.44 14.92
CA VAL A 44 -0.93 -2.97 16.14
C VAL A 44 0.04 -2.91 17.31
N VAL A 45 -0.18 -1.99 18.25
CA VAL A 45 0.69 -1.89 19.40
C VAL A 45 0.05 -2.65 20.55
N ILE A 46 0.78 -3.63 21.10
CA ILE A 46 0.28 -4.44 22.21
C ILE A 46 1.27 -4.38 23.37
N ASP A 47 0.78 -3.92 24.52
CA ASP A 47 1.60 -3.76 25.72
C ASP A 47 2.82 -2.92 25.36
N GLY A 48 2.56 -1.78 24.71
CA GLY A 48 3.63 -0.88 24.32
C GLY A 48 4.58 -1.31 23.21
N GLU A 49 4.40 -2.53 22.67
CA GLU A 49 5.27 -3.03 21.59
C GLU A 49 4.54 -3.13 20.25
N THR A 50 5.17 -2.61 19.20
CA THR A 50 4.56 -2.65 17.89
C THR A 50 4.78 -4.01 17.27
N CYS A 51 3.73 -4.58 16.69
CA CYS A 51 3.87 -5.87 16.05
C CYS A 51 2.95 -6.03 14.86
N LEU A 52 3.33 -6.97 14.01
CA LEU A 52 2.61 -7.25 12.81
C LEU A 52 1.96 -8.61 12.92
N LEU A 53 0.65 -8.62 12.93
CA LEU A 53 -0.10 -9.86 13.03
C LEU A 53 -0.45 -10.44 11.66
N ASP A 54 -0.08 -11.70 11.44
CA ASP A 54 -0.43 -12.40 10.21
C ASP A 54 -1.51 -13.38 10.67
N ILE A 55 -2.73 -13.19 10.18
CA ILE A 55 -3.83 -14.04 10.60
C ILE A 55 -4.36 -14.92 9.49
N LEU A 56 -4.28 -16.23 9.70
CA LEU A 56 -4.77 -17.19 8.73
C LEU A 56 -6.16 -17.67 9.13
N ASP A 57 -7.12 -17.38 8.27
CA ASP A 57 -8.51 -17.76 8.48
C ASP A 57 -8.70 -19.09 7.72
N THR A 58 -8.99 -20.16 8.46
CA THR A 58 -9.16 -21.47 7.86
C THR A 58 -10.59 -21.90 7.59
N ALA A 59 -10.71 -22.99 6.83
CA ALA A 59 -11.99 -23.54 6.46
C ALA A 59 -12.48 -24.50 7.56
N GLY A 60 -13.72 -24.32 7.97
CA GLY A 60 -14.28 -25.19 8.99
C GLY A 60 -14.91 -26.42 8.36
N GLN A 61 -15.49 -26.27 7.17
CA GLN A 61 -16.12 -27.40 6.48
C GLN A 61 -15.11 -28.55 6.39
N GLU A 62 -15.53 -29.73 6.85
CA GLU A 62 -14.66 -30.91 6.85
C GLU A 62 -14.20 -31.35 5.47
N GLU A 63 -14.82 -30.79 4.43
CA GLU A 63 -14.46 -31.13 3.07
C GLU A 63 -13.13 -30.49 2.67
N ALA A 64 -12.30 -30.19 3.66
CA ALA A 64 -10.99 -29.58 3.42
C ALA A 64 -10.03 -29.97 4.53
N SER A 65 -10.32 -31.08 5.21
CA SER A 65 -9.51 -31.58 6.31
C SER A 65 -8.10 -31.99 5.87
N ALA A 66 -7.93 -32.22 4.57
CA ALA A 66 -6.65 -32.62 4.03
C ALA A 66 -5.62 -31.49 4.05
N MET A 67 -6.08 -30.26 3.82
CA MET A 67 -5.20 -29.10 3.81
C MET A 67 -4.79 -28.62 5.20
N ARG A 68 -5.54 -29.03 6.22
CA ARG A 68 -5.27 -28.61 7.59
C ARG A 68 -3.81 -28.67 8.04
N ASP A 69 -3.26 -29.87 8.11
CA ASP A 69 -1.87 -30.02 8.54
C ASP A 69 -0.94 -28.97 7.91
N GLN A 70 -1.30 -28.54 6.69
CA GLN A 70 -0.51 -27.57 5.93
C GLN A 70 -0.38 -26.19 6.57
N TYR A 71 -1.37 -25.77 7.34
CA TYR A 71 -1.32 -24.45 7.96
C TYR A 71 -0.95 -24.49 9.45
N MET A 72 -1.05 -25.68 10.04
CA MET A 72 -0.72 -25.82 11.45
C MET A 72 0.78 -25.86 11.69
N ARG A 73 1.54 -26.26 10.68
CA ARG A 73 2.99 -26.32 10.86
C ARG A 73 3.63 -24.94 10.88
N THR A 74 3.04 -24.00 10.16
CA THR A 74 3.57 -22.64 10.09
C THR A 74 3.07 -21.73 11.23
N GLY A 75 1.88 -22.02 11.75
CA GLY A 75 1.31 -21.22 12.83
C GLY A 75 2.09 -21.24 14.14
N GLU A 76 2.08 -20.10 14.85
CA GLU A 76 2.77 -20.00 16.14
C GLU A 76 1.73 -19.98 17.25
N GLY A 77 0.51 -19.57 16.90
CA GLY A 77 -0.54 -19.52 17.91
C GLY A 77 -1.87 -19.87 17.26
N PHE A 78 -2.77 -20.44 18.05
CA PHE A 78 -4.07 -20.84 17.51
C PHE A 78 -5.26 -20.36 18.31
N LEU A 79 -6.26 -19.86 17.60
CA LEU A 79 -7.50 -19.41 18.20
C LEU A 79 -8.45 -20.57 17.88
N CYS A 80 -8.87 -21.32 18.89
CA CYS A 80 -9.76 -22.46 18.69
C CYS A 80 -11.18 -21.99 18.99
N VAL A 81 -11.96 -21.79 17.95
CA VAL A 81 -13.31 -21.26 18.08
C VAL A 81 -14.50 -22.23 17.96
N PHE A 82 -15.51 -22.00 18.81
CA PHE A 82 -16.75 -22.77 18.77
C PHE A 82 -17.82 -21.72 19.05
N ALA A 83 -19.07 -22.02 18.71
CA ALA A 83 -20.18 -21.08 18.97
C ALA A 83 -20.93 -21.57 20.23
N ILE A 84 -21.31 -20.65 21.11
CA ILE A 84 -22.01 -21.03 22.34
C ILE A 84 -23.43 -21.55 22.14
N ASN A 85 -23.93 -21.51 20.90
CA ASN A 85 -25.28 -22.00 20.63
C ASN A 85 -25.19 -23.23 19.72
N ASN A 86 -24.03 -23.88 19.73
CA ASN A 86 -23.79 -25.05 18.90
C ASN A 86 -22.91 -26.07 19.64
N THR A 87 -23.55 -27.03 20.27
CA THR A 87 -22.85 -28.06 21.02
C THR A 87 -21.87 -28.89 20.19
N LYS A 88 -22.23 -29.20 18.95
CA LYS A 88 -21.31 -29.99 18.13
C LYS A 88 -20.01 -29.24 17.85
N SER A 89 -20.07 -27.92 17.67
CA SER A 89 -18.85 -27.16 17.39
C SER A 89 -17.95 -27.22 18.63
N PHE A 90 -18.57 -27.20 19.81
CA PHE A 90 -17.81 -27.28 21.05
C PHE A 90 -17.14 -28.64 21.18
N GLU A 91 -17.86 -29.68 20.76
CA GLU A 91 -17.32 -31.03 20.83
C GLU A 91 -16.26 -31.29 19.78
N ASP A 92 -16.19 -30.44 18.76
CA ASP A 92 -15.18 -30.60 17.71
C ASP A 92 -13.84 -30.03 18.18
N ILE A 93 -13.86 -29.15 19.18
CA ILE A 93 -12.66 -28.54 19.73
C ILE A 93 -11.55 -29.53 20.07
N HIS A 94 -11.94 -30.60 20.75
CA HIS A 94 -11.03 -31.66 21.16
C HIS A 94 -10.17 -32.15 20.00
N GLN A 95 -10.79 -32.31 18.84
CA GLN A 95 -10.10 -32.81 17.65
C GLN A 95 -9.09 -31.80 17.11
N TYR A 96 -9.45 -30.52 17.15
CA TYR A 96 -8.54 -29.49 16.67
C TYR A 96 -7.31 -29.41 17.57
N ARG A 97 -7.54 -29.53 18.88
CA ARG A 97 -6.45 -29.45 19.85
C ARG A 97 -5.49 -30.61 19.65
N GLU A 98 -6.03 -31.81 19.40
CA GLU A 98 -5.20 -32.99 19.20
C GLU A 98 -4.40 -32.93 17.87
N GLN A 99 -5.01 -32.40 16.81
CA GLN A 99 -4.31 -32.29 15.53
C GLN A 99 -3.13 -31.35 15.69
N ILE A 100 -3.39 -30.19 16.29
CA ILE A 100 -2.35 -29.18 16.51
C ILE A 100 -1.20 -29.75 17.33
N LYS A 101 -1.55 -30.47 18.39
CA LYS A 101 -0.54 -31.07 19.27
C LYS A 101 0.31 -32.08 18.52
N ARG A 102 -0.34 -32.86 17.64
CA ARG A 102 0.33 -33.87 16.85
C ARG A 102 1.27 -33.25 15.83
N VAL A 103 0.70 -32.47 14.92
CA VAL A 103 1.47 -31.81 13.88
C VAL A 103 2.71 -31.14 14.45
N LYS A 104 2.50 -30.10 15.25
CA LYS A 104 3.61 -29.37 15.83
C LYS A 104 4.37 -30.20 16.84
N ASP A 105 3.90 -31.41 17.10
CA ASP A 105 4.53 -32.34 18.04
C ASP A 105 4.94 -31.62 19.32
N SER A 106 3.95 -31.07 20.01
CA SER A 106 4.20 -30.36 21.26
C SER A 106 2.93 -30.31 22.08
N ASP A 107 3.08 -30.37 23.40
CA ASP A 107 1.94 -30.34 24.32
C ASP A 107 1.88 -28.94 24.94
N ASP A 108 2.65 -28.01 24.39
CA ASP A 108 2.71 -26.67 24.94
C ASP A 108 2.50 -25.58 23.87
N VAL A 109 1.57 -25.80 22.95
CA VAL A 109 1.32 -24.81 21.89
C VAL A 109 0.45 -23.64 22.36
N PRO A 110 0.84 -22.40 22.00
CA PRO A 110 0.07 -21.20 22.39
C PRO A 110 -1.33 -21.18 21.77
N MET A 111 -2.37 -21.17 22.59
CA MET A 111 -3.71 -21.10 22.05
C MET A 111 -4.72 -20.54 23.02
N VAL A 112 -5.86 -20.15 22.48
CA VAL A 112 -6.93 -19.58 23.27
C VAL A 112 -8.24 -20.23 22.85
N LEU A 113 -9.05 -20.63 23.83
CA LEU A 113 -10.35 -21.21 23.52
C LEU A 113 -11.31 -20.03 23.42
N VAL A 114 -12.08 -19.98 22.34
CA VAL A 114 -12.99 -18.88 22.12
C VAL A 114 -14.42 -19.34 21.91
N GLY A 115 -15.32 -18.85 22.75
CA GLY A 115 -16.74 -19.17 22.62
C GLY A 115 -17.37 -17.95 21.95
N ASN A 116 -17.64 -18.06 20.65
CA ASN A 116 -18.22 -16.95 19.90
C ASN A 116 -19.74 -16.92 19.88
N LYS A 117 -20.28 -15.78 19.47
CA LYS A 117 -21.73 -15.53 19.38
C LYS A 117 -22.42 -15.35 20.73
N CYS A 118 -21.74 -14.65 21.65
CA CYS A 118 -22.25 -14.39 22.99
C CYS A 118 -23.33 -13.31 23.04
N ASP A 119 -23.69 -12.79 21.87
CA ASP A 119 -24.74 -11.78 21.78
C ASP A 119 -26.08 -12.50 21.70
N LEU A 120 -26.04 -13.73 21.21
CA LEU A 120 -27.27 -14.52 21.09
C LEU A 120 -27.70 -15.01 22.47
N ALA A 121 -29.00 -15.12 22.69
CA ALA A 121 -29.50 -15.58 23.98
C ALA A 121 -29.76 -17.09 24.09
N ALA A 122 -29.77 -17.80 22.96
CA ALA A 122 -30.03 -19.24 22.97
C ALA A 122 -28.78 -20.10 23.20
N ARG A 123 -28.15 -19.91 24.36
CA ARG A 123 -26.94 -20.63 24.72
C ARG A 123 -27.14 -22.13 24.99
N THR A 124 -26.31 -22.97 24.39
CA THR A 124 -26.39 -24.41 24.58
C THR A 124 -25.11 -24.95 25.22
N VAL A 125 -24.12 -24.08 25.41
CA VAL A 125 -22.86 -24.46 26.05
C VAL A 125 -22.63 -23.50 27.22
N GLU A 126 -22.54 -24.06 28.41
CA GLU A 126 -22.33 -23.23 29.60
C GLU A 126 -20.87 -22.81 29.75
N SER A 127 -20.67 -21.57 30.19
CA SER A 127 -19.34 -21.02 30.38
C SER A 127 -18.45 -21.93 31.21
N ARG A 128 -19.05 -22.57 32.20
CA ARG A 128 -18.34 -23.48 33.10
C ARG A 128 -17.77 -24.70 32.36
N GLN A 129 -18.52 -25.31 31.44
CA GLN A 129 -17.99 -26.46 30.71
C GLN A 129 -16.80 -26.05 29.84
N ALA A 130 -16.91 -24.90 29.18
CA ALA A 130 -15.81 -24.43 28.32
C ALA A 130 -14.59 -24.10 29.18
N GLN A 131 -14.86 -23.50 30.34
CA GLN A 131 -13.82 -23.09 31.26
C GLN A 131 -13.07 -24.33 31.76
N ASP A 132 -13.79 -25.43 32.05
CA ASP A 132 -13.17 -26.66 32.53
C ASP A 132 -12.25 -27.23 31.46
N LEU A 133 -12.73 -27.24 30.23
CA LEU A 133 -11.93 -27.73 29.13
C LEU A 133 -10.68 -26.88 28.94
N ALA A 134 -10.83 -25.56 29.05
CA ALA A 134 -9.69 -24.64 28.89
C ALA A 134 -8.65 -24.93 29.96
N ARG A 135 -9.11 -25.12 31.20
CA ARG A 135 -8.18 -25.43 32.29
C ARG A 135 -7.46 -26.76 32.01
N SER A 136 -8.17 -27.74 31.46
CA SER A 136 -7.54 -29.03 31.19
C SER A 136 -6.46 -28.88 30.13
N TYR A 137 -6.54 -27.83 29.32
CA TYR A 137 -5.54 -27.56 28.29
C TYR A 137 -4.47 -26.54 28.75
N GLY A 138 -4.77 -25.87 29.87
CA GLY A 138 -3.85 -24.87 30.38
C GLY A 138 -3.90 -23.59 29.57
N ILE A 139 -5.06 -23.27 29.02
CA ILE A 139 -5.22 -22.07 28.22
C ILE A 139 -6.42 -21.25 28.68
N PRO A 140 -6.45 -19.96 28.32
CA PRO A 140 -7.58 -19.12 28.73
C PRO A 140 -8.78 -19.32 27.81
N TYR A 141 -9.95 -19.01 28.35
CA TYR A 141 -11.22 -19.11 27.66
C TYR A 141 -11.78 -17.69 27.56
N ILE A 142 -12.07 -17.26 26.34
CA ILE A 142 -12.60 -15.92 26.14
C ILE A 142 -13.87 -15.97 25.31
N GLU A 143 -14.95 -15.40 25.85
CA GLU A 143 -16.20 -15.37 25.13
C GLU A 143 -16.25 -14.10 24.31
N THR A 144 -16.73 -14.22 23.07
CA THR A 144 -16.77 -13.07 22.16
C THR A 144 -18.04 -12.97 21.34
N SER A 145 -18.12 -11.85 20.64
CA SER A 145 -19.21 -11.57 19.73
C SER A 145 -18.64 -10.76 18.58
N ALA A 146 -18.50 -11.40 17.42
CA ALA A 146 -17.99 -10.72 16.24
C ALA A 146 -18.98 -9.63 15.83
N LYS A 147 -20.21 -9.76 16.28
CA LYS A 147 -21.22 -8.77 15.95
C LYS A 147 -21.08 -7.46 16.72
N THR A 148 -20.93 -7.57 18.03
CA THR A 148 -20.80 -6.39 18.89
C THR A 148 -19.38 -5.97 19.25
N ARG A 149 -18.39 -6.79 18.87
CA ARG A 149 -16.96 -6.57 19.14
C ARG A 149 -16.59 -6.97 20.56
N GLN A 150 -17.58 -7.40 21.32
CA GLN A 150 -17.36 -7.81 22.69
C GLN A 150 -16.31 -8.92 22.75
N GLY A 151 -15.25 -8.68 23.53
CA GLY A 151 -14.18 -9.66 23.69
C GLY A 151 -13.29 -9.97 22.50
N VAL A 152 -13.55 -9.38 21.34
CA VAL A 152 -12.75 -9.66 20.16
C VAL A 152 -11.26 -9.29 20.28
N GLU A 153 -10.94 -8.06 20.67
CA GLU A 153 -9.55 -7.67 20.81
C GLU A 153 -8.89 -8.53 21.86
N ASP A 154 -9.60 -8.77 22.96
CA ASP A 154 -9.11 -9.58 24.06
C ASP A 154 -8.62 -10.96 23.58
N ALA A 155 -9.44 -11.66 22.79
CA ALA A 155 -9.04 -12.99 22.34
C ALA A 155 -7.76 -12.98 21.53
N PHE A 156 -7.71 -12.18 20.47
CA PHE A 156 -6.52 -12.09 19.62
C PHE A 156 -5.28 -11.59 20.37
N TYR A 157 -5.44 -10.53 21.16
CA TYR A 157 -4.29 -9.97 21.86
C TYR A 157 -3.76 -10.84 22.97
N THR A 158 -4.64 -11.62 23.59
CA THR A 158 -4.22 -12.55 24.63
C THR A 158 -3.38 -13.62 23.91
N LEU A 159 -3.81 -14.02 22.72
CA LEU A 159 -3.06 -15.03 21.98
C LEU A 159 -1.67 -14.51 21.67
N VAL A 160 -1.59 -13.23 21.30
CA VAL A 160 -0.30 -12.64 20.99
C VAL A 160 0.61 -12.68 22.24
N ARG A 161 0.04 -12.36 23.41
CA ARG A 161 0.79 -12.37 24.65
C ARG A 161 1.33 -13.76 24.99
N GLU A 162 0.57 -14.78 24.63
CA GLU A 162 0.99 -16.15 24.90
C GLU A 162 2.14 -16.56 23.98
N ILE A 163 2.11 -16.12 22.73
CA ILE A 163 3.19 -16.45 21.81
C ILE A 163 4.45 -15.70 22.23
N ARG A 164 4.27 -14.47 22.70
CA ARG A 164 5.40 -13.64 23.10
C ARG A 164 6.14 -14.21 24.32
N GLN A 165 5.38 -14.76 25.27
CA GLN A 165 5.94 -15.31 26.50
C GLN A 165 6.30 -16.79 26.40
N HIS A 166 5.98 -17.41 25.26
CA HIS A 166 6.27 -18.83 25.05
C HIS A 166 7.68 -19.06 24.55
N MET B 1 35.08 12.17 3.27
CA MET B 1 35.04 12.68 1.87
C MET B 1 33.84 13.58 1.56
N THR B 2 33.88 14.20 0.39
CA THR B 2 32.83 15.10 -0.04
C THR B 2 31.61 14.35 -0.57
N GLU B 3 30.43 14.79 -0.16
CA GLU B 3 29.19 14.19 -0.63
C GLU B 3 28.45 15.22 -1.48
N TYR B 4 28.03 14.82 -2.66
CA TYR B 4 27.32 15.75 -3.53
C TYR B 4 25.85 15.39 -3.58
N LYS B 5 25.00 16.37 -3.29
CA LYS B 5 23.55 16.16 -3.32
C LYS B 5 23.01 16.56 -4.69
N LEU B 6 22.63 15.58 -5.49
CA LEU B 6 22.14 15.85 -6.83
C LEU B 6 20.67 15.56 -6.98
N VAL B 7 19.96 16.51 -7.59
CA VAL B 7 18.53 16.40 -7.80
C VAL B 7 18.15 16.23 -9.26
N VAL B 8 17.31 15.24 -9.54
CA VAL B 8 16.87 14.98 -10.91
C VAL B 8 15.47 15.59 -11.07
N VAL B 9 15.36 16.59 -11.93
CA VAL B 9 14.07 17.23 -12.13
C VAL B 9 13.61 17.12 -13.57
N GLY B 10 12.29 17.18 -13.75
CA GLY B 10 11.72 17.11 -15.09
C GLY B 10 10.28 16.60 -15.08
N ALA B 11 9.61 16.70 -16.22
CA ALA B 11 8.25 16.22 -16.34
C ALA B 11 8.17 14.72 -16.11
N GLY B 12 7.00 14.23 -15.70
CA GLY B 12 6.83 12.80 -15.50
C GLY B 12 6.93 12.06 -16.82
N GLY B 13 7.43 10.82 -16.79
CA GLY B 13 7.55 10.02 -18.00
C GLY B 13 8.74 10.31 -18.91
N VAL B 14 9.76 11.01 -18.41
CA VAL B 14 10.91 11.28 -19.27
C VAL B 14 12.07 10.35 -18.94
N GLY B 15 11.86 9.46 -17.99
CA GLY B 15 12.89 8.49 -17.62
C GLY B 15 13.84 8.89 -16.50
N LYS B 16 13.43 9.81 -15.63
CA LYS B 16 14.28 10.26 -14.53
C LYS B 16 14.66 9.08 -13.64
N SER B 17 13.68 8.22 -13.41
CA SER B 17 13.89 7.06 -12.56
C SER B 17 14.90 6.08 -13.13
N ALA B 18 14.81 5.82 -14.44
CA ALA B 18 15.73 4.91 -15.10
C ALA B 18 17.17 5.44 -15.03
N LEU B 19 17.35 6.75 -15.19
CA LEU B 19 18.68 7.34 -15.12
C LEU B 19 19.31 7.08 -13.76
N THR B 20 18.58 7.37 -12.70
CA THR B 20 19.08 7.18 -11.36
C THR B 20 19.38 5.72 -11.10
N ILE B 21 18.48 4.83 -11.53
CA ILE B 21 18.67 3.39 -11.33
C ILE B 21 19.92 2.91 -12.06
N GLN B 22 20.08 3.34 -13.31
CA GLN B 22 21.25 2.95 -14.09
C GLN B 22 22.55 3.41 -13.45
N LEU B 23 22.56 4.57 -12.81
CA LEU B 23 23.76 5.06 -12.14
C LEU B 23 24.10 4.30 -10.87
N ILE B 24 23.09 4.06 -10.03
CA ILE B 24 23.28 3.42 -8.74
C ILE B 24 23.30 1.89 -8.65
N GLN B 25 22.26 1.25 -9.16
CA GLN B 25 22.14 -0.21 -9.06
C GLN B 25 23.32 -1.05 -9.56
N ASN B 26 23.37 -2.28 -9.05
CA ASN B 26 24.37 -3.26 -9.43
C ASN B 26 23.84 -3.80 -10.75
N HIS B 27 24.66 -3.75 -11.79
CA HIS B 27 24.25 -4.21 -13.11
C HIS B 27 24.36 -5.70 -13.38
N PHE B 28 24.97 -6.43 -12.46
CA PHE B 28 25.15 -7.85 -12.70
C PHE B 28 24.54 -8.73 -11.62
N VAL B 29 23.32 -8.38 -11.23
CA VAL B 29 22.54 -9.12 -10.22
C VAL B 29 21.12 -9.24 -10.78
N ASP B 30 20.50 -10.40 -10.56
CA ASP B 30 19.17 -10.67 -11.09
C ASP B 30 18.04 -9.79 -10.53
N GLU B 31 18.11 -9.44 -9.25
CA GLU B 31 17.05 -8.66 -8.63
C GLU B 31 17.42 -7.33 -8.02
N TYR B 32 16.51 -6.36 -8.19
CA TYR B 32 16.68 -5.02 -7.67
C TYR B 32 15.54 -4.65 -6.71
N ASP B 33 15.92 -4.23 -5.51
CA ASP B 33 14.90 -3.84 -4.53
C ASP B 33 15.16 -2.43 -4.02
N PRO B 34 14.45 -1.44 -4.59
CA PRO B 34 14.64 -0.05 -4.16
C PRO B 34 14.19 0.18 -2.72
N THR B 35 13.49 -0.80 -2.14
CA THR B 35 13.00 -0.70 -0.78
C THR B 35 14.14 -0.93 0.24
N ILE B 36 15.38 -0.99 -0.25
CA ILE B 36 16.52 -1.21 0.63
C ILE B 36 17.36 0.07 0.78
N GLU B 37 17.89 0.26 1.99
CA GLU B 37 18.72 1.42 2.32
C GLU B 37 19.92 1.57 1.37
N ASP B 38 20.40 2.80 1.22
CA ASP B 38 21.55 3.11 0.37
C ASP B 38 21.29 2.93 -1.12
N SER B 39 20.02 2.90 -1.51
CA SER B 39 19.69 2.76 -2.92
C SER B 39 19.72 4.15 -3.56
N TYR B 40 20.35 5.10 -2.86
CA TYR B 40 20.46 6.48 -3.36
C TYR B 40 21.90 6.97 -3.27
N ARG B 41 22.75 6.23 -2.56
CA ARG B 41 24.15 6.60 -2.39
C ARG B 41 25.02 5.78 -3.33
N LYS B 42 26.18 6.33 -3.70
CA LYS B 42 27.11 5.64 -4.59
C LYS B 42 28.47 6.34 -4.55
N GLN B 43 29.48 5.62 -4.08
CA GLN B 43 30.83 6.17 -4.00
C GLN B 43 31.50 6.01 -5.35
N VAL B 44 32.03 7.10 -5.87
CA VAL B 44 32.67 7.07 -7.18
C VAL B 44 33.92 7.92 -7.23
N VAL B 45 34.70 7.72 -8.30
CA VAL B 45 35.92 8.48 -8.51
C VAL B 45 35.73 9.35 -9.75
N ILE B 46 35.84 10.66 -9.59
CA ILE B 46 35.68 11.58 -10.69
C ILE B 46 36.93 12.46 -10.83
N ASP B 47 37.61 12.31 -11.96
CA ASP B 47 38.84 13.05 -12.21
C ASP B 47 39.83 12.83 -11.08
N GLY B 48 40.01 11.55 -10.73
CA GLY B 48 40.94 11.20 -9.67
C GLY B 48 40.50 11.55 -8.26
N GLU B 49 39.33 12.17 -8.11
CA GLU B 49 38.88 12.53 -6.77
C GLU B 49 37.71 11.65 -6.34
N THR B 50 37.86 10.98 -5.21
CA THR B 50 36.81 10.09 -4.68
C THR B 50 35.73 10.88 -3.95
N CYS B 51 34.48 10.65 -4.31
CA CYS B 51 33.39 11.36 -3.67
C CYS B 51 32.14 10.51 -3.52
N LEU B 52 31.20 10.98 -2.71
CA LEU B 52 29.95 10.27 -2.49
C LEU B 52 28.78 11.01 -3.15
N LEU B 53 28.07 10.31 -4.02
CA LEU B 53 26.92 10.86 -4.71
C LEU B 53 25.64 10.48 -3.97
N ASP B 54 24.83 11.48 -3.65
CA ASP B 54 23.56 11.25 -2.98
C ASP B 54 22.49 11.75 -3.96
N ILE B 55 21.77 10.81 -4.57
CA ILE B 55 20.76 11.19 -5.56
C ILE B 55 19.35 11.36 -4.98
N LEU B 56 18.86 12.59 -5.03
CA LEU B 56 17.54 12.93 -4.54
C LEU B 56 16.65 12.83 -5.78
N ASP B 57 16.02 11.67 -5.92
CA ASP B 57 15.14 11.39 -7.05
C ASP B 57 13.76 11.03 -6.52
N THR B 58 12.76 11.82 -6.90
CA THR B 58 11.40 11.59 -6.45
C THR B 58 10.47 11.25 -7.63
N ALA B 59 11.01 10.49 -8.59
CA ALA B 59 10.24 10.09 -9.76
C ALA B 59 8.97 9.37 -9.30
N GLY B 60 7.86 9.64 -10.00
CA GLY B 60 6.58 9.06 -9.66
C GLY B 60 5.74 9.98 -8.77
N GLN B 61 6.37 11.02 -8.23
CA GLN B 61 5.70 11.97 -7.35
C GLN B 61 5.46 13.32 -7.99
N GLU B 62 5.63 13.40 -9.30
CA GLU B 62 5.45 14.66 -10.01
C GLU B 62 4.12 15.35 -9.76
N GLU B 63 3.05 14.60 -9.52
CA GLU B 63 1.75 15.24 -9.27
C GLU B 63 1.73 16.07 -7.98
N TYR B 64 2.66 15.80 -7.05
CA TYR B 64 2.76 16.56 -5.80
C TYR B 64 3.54 17.82 -6.11
N SER B 65 2.97 18.67 -6.95
CA SER B 65 3.65 19.90 -7.38
C SER B 65 3.98 20.92 -6.29
N ALA B 66 3.23 20.94 -5.20
CA ALA B 66 3.51 21.89 -4.13
C ALA B 66 4.68 21.45 -3.26
N MET B 67 5.11 20.20 -3.42
CA MET B 67 6.24 19.68 -2.65
C MET B 67 7.56 19.92 -3.38
N ARG B 68 7.50 20.40 -4.61
CA ARG B 68 8.70 20.62 -5.41
C ARG B 68 9.76 21.53 -4.75
N ASP B 69 9.34 22.71 -4.28
CA ASP B 69 10.29 23.63 -3.67
C ASP B 69 11.13 22.98 -2.57
N GLN B 70 10.46 22.29 -1.66
CA GLN B 70 11.15 21.61 -0.56
C GLN B 70 12.13 20.54 -1.06
N TYR B 71 11.72 19.72 -2.02
CA TYR B 71 12.61 18.69 -2.56
C TYR B 71 13.84 19.26 -3.26
N MET B 72 13.68 20.42 -3.88
CA MET B 72 14.79 21.03 -4.63
C MET B 72 15.79 21.80 -3.79
N ARG B 73 15.34 22.47 -2.73
CA ARG B 73 16.22 23.30 -1.92
C ARG B 73 17.47 22.62 -1.37
N THR B 74 17.37 21.32 -1.13
CA THR B 74 18.48 20.56 -0.58
C THR B 74 19.59 20.19 -1.60
N GLY B 75 19.26 20.25 -2.90
CA GLY B 75 20.25 19.92 -3.91
C GLY B 75 21.34 20.95 -4.17
N GLU B 76 22.51 20.47 -4.56
CA GLU B 76 23.64 21.34 -4.87
C GLU B 76 23.77 21.50 -6.39
N GLY B 77 23.33 20.48 -7.11
CA GLY B 77 23.37 20.50 -8.55
C GLY B 77 22.09 19.88 -9.08
N PHE B 78 21.71 20.23 -10.30
CA PHE B 78 20.46 19.72 -10.85
C PHE B 78 20.58 19.17 -12.27
N LEU B 79 19.91 18.04 -12.48
CA LEU B 79 19.83 17.41 -13.80
C LEU B 79 18.45 17.78 -14.29
N CYS B 80 18.38 18.61 -15.34
CA CYS B 80 17.11 19.00 -15.94
C CYS B 80 16.90 18.08 -17.14
N VAL B 81 16.04 17.10 -16.96
CA VAL B 81 15.78 16.07 -17.97
C VAL B 81 14.49 16.25 -18.76
N PHE B 82 14.55 15.88 -20.02
CA PHE B 82 13.40 15.92 -20.93
C PHE B 82 13.54 14.70 -21.84
N ALA B 83 12.45 14.32 -22.51
CA ALA B 83 12.46 13.18 -23.41
C ALA B 83 12.58 13.68 -24.83
N ILE B 84 13.52 13.12 -25.59
CA ILE B 84 13.71 13.58 -26.97
C ILE B 84 12.53 13.32 -27.91
N ASN B 85 11.57 12.48 -27.50
CA ASN B 85 10.39 12.21 -28.32
C ASN B 85 9.15 12.90 -27.72
N ASN B 86 9.37 13.84 -26.80
CA ASN B 86 8.28 14.60 -26.16
C ASN B 86 8.56 16.11 -26.10
N THR B 87 8.06 16.84 -27.09
CA THR B 87 8.28 18.28 -27.14
C THR B 87 7.76 19.04 -25.92
N LYS B 88 6.68 18.54 -25.32
CA LYS B 88 6.12 19.19 -24.14
C LYS B 88 7.17 19.22 -23.01
N SER B 89 7.78 18.06 -22.75
CA SER B 89 8.77 17.94 -21.69
C SER B 89 9.96 18.89 -21.94
N PHE B 90 10.30 19.10 -23.20
CA PHE B 90 11.36 19.99 -23.58
C PHE B 90 10.98 21.45 -23.29
N GLU B 91 9.75 21.81 -23.63
CA GLU B 91 9.28 23.17 -23.41
C GLU B 91 9.09 23.48 -21.92
N ASP B 92 8.90 22.45 -21.10
CA ASP B 92 8.74 22.66 -19.65
C ASP B 92 10.09 23.02 -18.98
N ILE B 93 11.20 22.73 -19.65
CA ILE B 93 12.52 23.00 -19.07
C ILE B 93 12.70 24.41 -18.55
N HIS B 94 12.30 25.39 -19.33
CA HIS B 94 12.43 26.79 -18.94
C HIS B 94 11.90 27.04 -17.53
N GLN B 95 10.66 26.62 -17.24
CA GLN B 95 10.11 26.85 -15.92
C GLN B 95 10.79 26.06 -14.81
N TYR B 96 11.31 24.88 -15.12
CA TYR B 96 12.00 24.10 -14.09
C TYR B 96 13.23 24.88 -13.65
N ARG B 97 13.96 25.43 -14.63
CA ARG B 97 15.15 26.20 -14.34
C ARG B 97 14.82 27.44 -13.51
N GLU B 98 13.75 28.13 -13.88
CA GLU B 98 13.33 29.32 -13.14
C GLU B 98 12.98 28.93 -11.70
N GLN B 99 12.28 27.83 -11.52
CA GLN B 99 11.92 27.38 -10.18
C GLN B 99 13.15 27.04 -9.35
N ILE B 100 14.15 26.45 -10.00
CA ILE B 100 15.37 26.08 -9.31
C ILE B 100 16.12 27.35 -8.84
N LYS B 101 16.18 28.34 -9.71
CA LYS B 101 16.83 29.60 -9.38
C LYS B 101 16.12 30.29 -8.23
N ARG B 102 14.79 30.21 -8.21
CA ARG B 102 14.02 30.81 -7.15
C ARG B 102 14.22 30.09 -5.81
N VAL B 103 14.14 28.76 -5.79
CA VAL B 103 14.33 28.07 -4.52
C VAL B 103 15.75 28.16 -3.96
N LYS B 104 16.75 28.23 -4.85
CA LYS B 104 18.15 28.31 -4.41
C LYS B 104 18.56 29.76 -4.21
N ASP B 105 17.64 30.68 -4.53
CA ASP B 105 17.89 32.11 -4.40
C ASP B 105 19.22 32.49 -5.03
N SER B 106 19.44 32.01 -6.24
CA SER B 106 20.68 32.29 -6.95
C SER B 106 20.45 32.30 -8.44
N ASP B 107 21.23 33.10 -9.15
CA ASP B 107 21.10 33.21 -10.59
C ASP B 107 22.13 32.34 -11.29
N ASP B 108 22.98 31.67 -10.51
CA ASP B 108 24.00 30.79 -11.08
C ASP B 108 24.04 29.45 -10.34
N VAL B 109 23.10 28.59 -10.68
CA VAL B 109 23.02 27.28 -10.04
C VAL B 109 23.58 26.18 -10.93
N PRO B 110 24.46 25.32 -10.38
CA PRO B 110 25.06 24.22 -11.15
C PRO B 110 23.97 23.30 -11.74
N MET B 111 23.90 23.21 -13.06
CA MET B 111 22.93 22.32 -13.71
C MET B 111 23.35 21.88 -15.10
N VAL B 112 22.76 20.77 -15.50
CA VAL B 112 23.01 20.14 -16.78
C VAL B 112 21.65 19.85 -17.44
N LEU B 113 21.59 20.03 -18.74
CA LEU B 113 20.38 19.74 -19.50
C LEU B 113 20.55 18.32 -20.06
N VAL B 114 19.61 17.43 -19.77
CA VAL B 114 19.72 16.05 -20.24
C VAL B 114 18.59 15.63 -21.18
N GLY B 115 18.96 15.21 -22.39
CA GLY B 115 17.97 14.74 -23.33
C GLY B 115 18.01 13.23 -23.26
N ASN B 116 16.92 12.61 -22.84
CA ASN B 116 16.89 11.16 -22.73
C ASN B 116 16.00 10.46 -23.77
N LYS B 117 16.55 9.39 -24.34
CA LYS B 117 15.87 8.56 -25.32
C LYS B 117 15.24 7.42 -24.49
N CYS B 118 13.92 7.43 -24.40
CA CYS B 118 13.16 6.44 -23.61
C CYS B 118 12.85 5.16 -24.34
N ASP B 119 12.53 5.29 -25.63
CA ASP B 119 12.18 4.12 -26.44
C ASP B 119 12.56 4.24 -27.92
N LEU B 120 11.80 3.54 -28.75
CA LEU B 120 12.02 3.53 -30.19
C LEU B 120 11.14 4.51 -30.95
N ALA B 121 10.26 5.22 -30.22
CA ALA B 121 9.38 6.20 -30.84
C ALA B 121 10.22 7.24 -31.61
N ALA B 122 9.55 8.02 -32.45
CA ALA B 122 10.22 9.03 -33.26
C ALA B 122 10.69 10.24 -32.45
N ARG B 123 11.93 10.66 -32.69
CA ARG B 123 12.53 11.80 -32.02
C ARG B 123 11.84 13.09 -32.49
N THR B 124 11.43 13.95 -31.56
CA THR B 124 10.78 15.20 -31.94
C THR B 124 11.62 16.45 -31.58
N VAL B 125 12.67 16.24 -30.79
CA VAL B 125 13.56 17.32 -30.42
C VAL B 125 14.96 16.96 -30.92
N GLU B 126 15.45 17.70 -31.91
CA GLU B 126 16.78 17.43 -32.47
C GLU B 126 17.87 17.94 -31.52
N SER B 127 19.06 17.37 -31.61
CA SER B 127 20.17 17.77 -30.77
C SER B 127 20.48 19.27 -30.89
N ARG B 128 20.39 19.81 -32.10
CA ARG B 128 20.69 21.23 -32.27
C ARG B 128 19.77 22.15 -31.47
N GLN B 129 18.49 21.77 -31.35
CA GLN B 129 17.56 22.59 -30.57
C GLN B 129 17.98 22.59 -29.10
N ALA B 130 18.35 21.40 -28.61
CA ALA B 130 18.76 21.25 -27.23
C ALA B 130 20.08 21.97 -26.96
N GLN B 131 21.02 21.85 -27.89
CA GLN B 131 22.31 22.51 -27.71
C GLN B 131 22.17 24.03 -27.72
N ASP B 132 21.23 24.56 -28.50
CA ASP B 132 21.01 26.00 -28.54
C ASP B 132 20.38 26.44 -27.22
N LEU B 133 19.39 25.68 -26.71
CA LEU B 133 18.77 26.03 -25.45
C LEU B 133 19.83 25.97 -24.35
N ALA B 134 20.62 24.91 -24.32
CA ALA B 134 21.65 24.78 -23.29
C ALA B 134 22.63 25.94 -23.37
N ARG B 135 23.04 26.33 -24.59
CA ARG B 135 23.98 27.44 -24.76
C ARG B 135 23.38 28.75 -24.25
N SER B 136 22.09 28.95 -24.50
CA SER B 136 21.43 30.17 -24.05
C SER B 136 21.45 30.25 -22.53
N TYR B 137 21.45 29.10 -21.84
CA TYR B 137 21.48 29.16 -20.37
C TYR B 137 22.90 29.08 -19.81
N GLY B 138 23.87 28.77 -20.66
CA GLY B 138 25.24 28.67 -20.20
C GLY B 138 25.51 27.36 -19.51
N ILE B 139 24.85 26.30 -19.95
CA ILE B 139 25.06 25.00 -19.32
C ILE B 139 25.30 23.88 -20.33
N PRO B 140 25.91 22.78 -19.86
CA PRO B 140 26.20 21.61 -20.69
C PRO B 140 24.94 20.86 -21.12
N TYR B 141 25.02 20.21 -22.27
CA TYR B 141 23.91 19.40 -22.77
C TYR B 141 24.43 17.98 -22.94
N ILE B 142 23.72 17.02 -22.37
CA ILE B 142 24.10 15.61 -22.48
C ILE B 142 22.93 14.76 -22.90
N GLU B 143 23.15 13.91 -23.89
CA GLU B 143 22.09 13.04 -24.36
C GLU B 143 22.32 11.65 -23.79
N THR B 144 21.28 11.00 -23.31
CA THR B 144 21.41 9.67 -22.74
C THR B 144 20.40 8.67 -23.24
N SER B 145 20.69 7.41 -22.97
CA SER B 145 19.79 6.31 -23.30
C SER B 145 19.92 5.38 -22.10
N ALA B 146 19.14 5.66 -21.06
CA ALA B 146 19.14 4.87 -19.84
C ALA B 146 19.01 3.38 -20.13
N LYS B 147 18.10 3.03 -21.05
CA LYS B 147 17.86 1.64 -21.44
C LYS B 147 19.13 0.92 -21.89
N THR B 148 19.97 1.62 -22.66
CA THR B 148 21.21 1.05 -23.17
C THR B 148 22.44 1.50 -22.38
N ARG B 149 22.21 2.19 -21.27
CA ARG B 149 23.29 2.70 -20.43
C ARG B 149 24.28 3.63 -21.16
N GLN B 150 23.81 4.42 -22.10
CA GLN B 150 24.72 5.33 -22.78
C GLN B 150 24.56 6.76 -22.23
N GLY B 151 25.70 7.34 -21.87
CA GLY B 151 25.72 8.70 -21.37
C GLY B 151 25.27 8.94 -19.95
N VAL B 152 24.81 7.90 -19.26
CA VAL B 152 24.35 8.05 -17.90
C VAL B 152 25.42 8.60 -16.96
N GLU B 153 26.54 7.90 -16.86
CA GLU B 153 27.60 8.37 -15.98
C GLU B 153 28.04 9.77 -16.38
N ASP B 154 28.11 10.00 -17.69
CA ASP B 154 28.54 11.29 -18.20
C ASP B 154 27.63 12.43 -17.70
N ALA B 155 26.33 12.20 -17.65
CA ALA B 155 25.41 13.24 -17.20
C ALA B 155 25.68 13.65 -15.75
N PHE B 156 25.77 12.68 -14.86
CA PHE B 156 26.02 12.97 -13.46
C PHE B 156 27.43 13.50 -13.19
N TYR B 157 28.43 12.90 -13.83
CA TYR B 157 29.82 13.34 -13.63
C TYR B 157 30.00 14.78 -14.14
N THR B 158 29.34 15.13 -15.23
CA THR B 158 29.42 16.48 -15.77
C THR B 158 28.82 17.45 -14.77
N LEU B 159 27.75 17.03 -14.09
CA LEU B 159 27.13 17.91 -13.09
C LEU B 159 28.08 18.07 -11.90
N VAL B 160 28.71 16.99 -11.44
CA VAL B 160 29.65 17.09 -10.32
C VAL B 160 30.79 18.04 -10.66
N ARG B 161 31.32 17.96 -11.88
CA ARG B 161 32.39 18.88 -12.31
C ARG B 161 31.89 20.33 -12.31
N GLU B 162 30.62 20.50 -12.67
CA GLU B 162 30.04 21.83 -12.69
C GLU B 162 29.99 22.38 -11.26
N ILE B 163 29.67 21.52 -10.30
CA ILE B 163 29.60 21.92 -8.90
C ILE B 163 31.01 22.30 -8.37
N ARG B 164 32.00 21.48 -8.71
CA ARG B 164 33.38 21.71 -8.29
C ARG B 164 33.98 23.00 -8.84
N GLN B 165 33.60 23.34 -10.07
CA GLN B 165 34.11 24.55 -10.70
C GLN B 165 33.26 25.78 -10.39
N HIS B 166 32.26 25.62 -9.52
CA HIS B 166 31.40 26.74 -9.15
C HIS B 166 32.15 27.66 -8.18
N GLN C 1 5.36 -42.88 -2.72
CA GLN C 1 4.85 -41.61 -3.31
C GLN C 1 3.42 -41.73 -3.81
N MET C 2 3.00 -40.79 -4.65
CA MET C 2 1.65 -40.75 -5.20
C MET C 2 1.72 -40.37 -6.68
N ARG C 3 1.41 -41.33 -7.55
CA ARG C 3 1.45 -41.11 -9.00
C ARG C 3 0.53 -39.98 -9.47
N LEU C 4 1.11 -39.08 -10.28
CA LEU C 4 0.38 -37.94 -10.83
C LEU C 4 -0.21 -38.35 -12.17
N PRO C 5 -1.16 -37.56 -12.69
CA PRO C 5 -1.76 -37.88 -13.98
C PRO C 5 -0.72 -37.85 -15.08
N SER C 6 -1.00 -38.51 -16.19
CA SER C 6 -0.07 -38.54 -17.30
C SER C 6 0.08 -37.13 -17.86
N ALA C 7 1.31 -36.73 -18.15
CA ALA C 7 1.60 -35.41 -18.69
C ALA C 7 0.98 -35.21 -20.08
N ASP C 8 0.52 -36.31 -20.67
CA ASP C 8 -0.08 -36.26 -22.00
C ASP C 8 -1.57 -35.94 -21.96
N VAL C 9 -2.19 -36.03 -20.79
CA VAL C 9 -3.61 -35.76 -20.65
C VAL C 9 -3.84 -34.57 -19.70
N TYR C 10 -2.79 -34.19 -18.99
CA TYR C 10 -2.88 -33.10 -18.02
C TYR C 10 -1.57 -32.32 -18.04
N ARG C 11 -1.61 -31.13 -18.64
CA ARG C 11 -0.43 -30.27 -18.77
C ARG C 11 0.24 -29.82 -17.50
N PHE C 12 -0.50 -29.82 -16.39
CA PHE C 12 0.10 -29.38 -15.14
C PHE C 12 0.86 -30.46 -14.41
N ALA C 13 1.12 -31.57 -15.11
CA ALA C 13 1.84 -32.70 -14.53
C ALA C 13 3.29 -32.78 -15.01
N GLU C 14 3.70 -31.91 -15.94
CA GLU C 14 5.09 -31.92 -16.38
C GLU C 14 5.98 -31.66 -15.17
N PRO C 15 7.07 -32.44 -15.02
CA PRO C 15 7.95 -32.22 -13.88
C PRO C 15 8.69 -30.88 -13.91
N ASP C 16 9.12 -30.43 -12.73
CA ASP C 16 9.85 -29.17 -12.61
C ASP C 16 11.25 -29.32 -13.23
N SER C 17 11.75 -28.27 -13.84
CA SER C 17 13.09 -28.30 -14.43
C SER C 17 13.61 -26.87 -14.48
N GLU C 18 14.91 -26.74 -14.72
CA GLU C 18 15.55 -25.43 -14.80
C GLU C 18 15.03 -24.65 -15.99
N GLU C 19 14.26 -25.32 -16.84
CA GLU C 19 13.73 -24.68 -18.03
C GLU C 19 12.34 -24.11 -17.86
N ASN C 20 11.62 -24.49 -16.81
CA ASN C 20 10.27 -23.98 -16.64
C ASN C 20 9.96 -23.35 -15.28
N ILE C 21 10.89 -23.45 -14.33
CA ILE C 21 10.69 -22.88 -13.01
C ILE C 21 11.98 -22.70 -12.23
N ILE C 22 12.07 -21.57 -11.52
CA ILE C 22 13.25 -21.24 -10.71
C ILE C 22 12.79 -20.80 -9.32
N PHE C 23 13.42 -21.38 -8.30
CA PHE C 23 13.07 -21.05 -6.93
C PHE C 23 14.09 -20.09 -6.34
N GLU C 24 13.68 -19.36 -5.30
CA GLU C 24 14.56 -18.43 -4.63
C GLU C 24 15.46 -19.23 -3.67
N GLU C 25 16.73 -18.81 -3.55
CA GLU C 25 17.70 -19.50 -2.69
C GLU C 25 17.54 -19.09 -1.22
N GLY C 32 8.51 -23.18 6.07
CA GLY C 32 9.39 -22.59 5.08
C GLY C 32 9.07 -23.05 3.67
N ILE C 33 7.94 -22.58 3.13
CA ILE C 33 7.49 -22.93 1.80
C ILE C 33 8.41 -22.38 0.69
N PRO C 34 8.40 -23.04 -0.49
CA PRO C 34 9.23 -22.60 -1.62
C PRO C 34 8.76 -21.21 -2.06
N ILE C 35 9.68 -20.41 -2.55
CA ILE C 35 9.36 -19.07 -3.02
C ILE C 35 9.81 -19.04 -4.48
N ILE C 36 8.87 -18.78 -5.39
CA ILE C 36 9.14 -18.77 -6.82
C ILE C 36 9.85 -17.51 -7.31
N LYS C 37 10.97 -17.69 -7.98
CA LYS C 37 11.71 -16.56 -8.52
C LYS C 37 11.19 -16.28 -9.93
N ALA C 38 11.07 -17.35 -10.72
CA ALA C 38 10.58 -17.23 -12.09
C ALA C 38 9.97 -18.54 -12.57
N GLY C 39 9.20 -18.46 -13.65
CA GLY C 39 8.58 -19.63 -14.21
C GLY C 39 7.71 -19.35 -15.41
N THR C 40 7.31 -20.42 -16.10
CA THR C 40 6.41 -20.29 -17.25
C THR C 40 5.01 -20.06 -16.68
N VAL C 41 4.08 -19.56 -17.49
CA VAL C 41 2.72 -19.32 -17.03
C VAL C 41 2.13 -20.62 -16.50
N ILE C 42 2.37 -21.73 -17.20
CA ILE C 42 1.85 -23.01 -16.76
C ILE C 42 2.33 -23.36 -15.34
N LYS C 43 3.63 -23.21 -15.08
CA LYS C 43 4.16 -23.54 -13.76
C LYS C 43 3.67 -22.58 -12.67
N LEU C 44 3.50 -21.31 -13.04
CA LEU C 44 3.01 -20.30 -12.11
C LEU C 44 1.59 -20.69 -11.66
N ILE C 45 0.76 -21.15 -12.60
CA ILE C 45 -0.61 -21.54 -12.26
C ILE C 45 -0.66 -22.82 -11.45
N GLU C 46 0.28 -23.73 -11.72
CA GLU C 46 0.34 -24.96 -10.95
C GLU C 46 0.64 -24.60 -9.49
N ARG C 47 1.61 -23.70 -9.29
CA ARG C 47 1.97 -23.30 -7.93
C ARG C 47 0.87 -22.46 -7.28
N LEU C 48 0.16 -21.67 -8.10
CA LEU C 48 -0.93 -20.86 -7.62
C LEU C 48 -2.01 -21.74 -6.97
N THR C 49 -2.06 -23.00 -7.41
CA THR C 49 -3.05 -23.96 -6.92
C THR C 49 -2.40 -25.28 -6.51
N TYR C 50 -1.22 -25.20 -5.90
CA TYR C 50 -0.47 -26.38 -5.49
C TYR C 50 -1.18 -27.21 -4.45
N HIS C 51 -0.96 -28.52 -4.48
CA HIS C 51 -1.62 -29.39 -3.53
C HIS C 51 -0.88 -29.63 -2.21
N MET C 52 0.43 -29.38 -2.19
CA MET C 52 1.26 -29.61 -0.99
C MET C 52 1.19 -28.62 0.16
N TYR C 53 1.28 -27.33 -0.16
CA TYR C 53 1.25 -26.29 0.88
C TYR C 53 0.34 -25.13 0.54
N ALA C 54 0.18 -24.22 1.49
CA ALA C 54 -0.67 -23.05 1.31
C ALA C 54 0.17 -21.78 1.19
N ASP C 55 -0.40 -20.77 0.54
CA ASP C 55 0.28 -19.49 0.40
C ASP C 55 -0.73 -18.45 -0.14
N PRO C 56 -1.68 -18.00 0.72
CA PRO C 56 -2.68 -17.00 0.29
C PRO C 56 -2.02 -15.71 -0.22
N ASN C 57 -0.73 -15.55 0.11
CA ASN C 57 0.04 -14.39 -0.32
C ASN C 57 0.25 -14.45 -1.85
N PHE C 58 0.36 -15.67 -2.37
CA PHE C 58 0.57 -15.95 -3.78
C PHE C 58 -0.66 -15.54 -4.63
N VAL C 59 -1.83 -15.90 -4.15
CA VAL C 59 -3.07 -15.58 -4.85
C VAL C 59 -3.24 -14.07 -5.08
N ARG C 60 -3.03 -13.27 -4.03
CA ARG C 60 -3.15 -11.81 -4.15
C ARG C 60 -2.12 -11.29 -5.15
N THR C 61 -0.86 -11.67 -4.96
CA THR C 61 0.21 -11.25 -5.86
C THR C 61 -0.13 -11.53 -7.31
N PHE C 62 -0.54 -12.76 -7.59
CA PHE C 62 -0.89 -13.18 -8.94
C PHE C 62 -2.09 -12.41 -9.51
N LEU C 63 -3.19 -12.41 -8.76
CA LEU C 63 -4.40 -11.72 -9.22
C LEU C 63 -4.20 -10.22 -9.42
N THR C 64 -3.24 -9.67 -8.71
CA THR C 64 -2.95 -8.25 -8.80
C THR C 64 -2.05 -7.91 -9.97
N THR C 65 -1.17 -8.84 -10.35
CA THR C 65 -0.20 -8.56 -11.39
C THR C 65 -0.19 -9.37 -12.69
N TYR C 66 -0.99 -10.41 -12.77
CA TYR C 66 -0.97 -11.26 -13.95
C TYR C 66 -1.23 -10.64 -15.32
N ARG C 67 -1.97 -9.55 -15.36
CA ARG C 67 -2.32 -8.94 -16.65
C ARG C 67 -1.20 -8.51 -17.57
N SER C 68 0.01 -8.35 -17.04
CA SER C 68 1.15 -7.97 -17.89
C SER C 68 1.71 -9.19 -18.63
N PHE C 69 1.50 -10.40 -18.10
CA PHE C 69 2.03 -11.60 -18.76
C PHE C 69 0.99 -12.67 -19.15
N CYS C 70 -0.28 -12.37 -18.89
CA CYS C 70 -1.35 -13.31 -19.23
C CYS C 70 -2.70 -12.59 -19.32
N LYS C 71 -3.45 -12.84 -20.38
CA LYS C 71 -4.75 -12.23 -20.55
C LYS C 71 -5.81 -12.90 -19.70
N PRO C 72 -6.82 -12.12 -19.26
CA PRO C 72 -7.90 -12.67 -18.44
C PRO C 72 -8.51 -13.93 -19.04
N GLN C 73 -8.92 -13.86 -20.31
CA GLN C 73 -9.54 -15.01 -20.99
C GLN C 73 -8.67 -16.26 -20.91
N GLU C 74 -7.37 -16.07 -21.13
CA GLU C 74 -6.43 -17.17 -21.08
C GLU C 74 -6.27 -17.71 -19.66
N LEU C 75 -6.28 -16.81 -18.68
CA LEU C 75 -6.14 -17.23 -17.28
C LEU C 75 -7.32 -18.12 -16.91
N LEU C 76 -8.51 -17.75 -17.37
CA LEU C 76 -9.69 -18.53 -17.05
C LEU C 76 -9.58 -19.91 -17.70
N SER C 77 -9.10 -19.95 -18.94
CA SER C 77 -8.96 -21.23 -19.63
C SER C 77 -7.99 -22.11 -18.86
N LEU C 78 -6.87 -21.53 -18.43
CA LEU C 78 -5.89 -22.32 -17.70
C LEU C 78 -6.39 -22.83 -16.35
N ILE C 79 -7.16 -22.05 -15.58
CA ILE C 79 -7.60 -22.60 -14.30
C ILE C 79 -8.68 -23.66 -14.47
N ILE C 80 -9.53 -23.51 -15.47
CA ILE C 80 -10.57 -24.52 -15.73
C ILE C 80 -9.84 -25.80 -16.15
N GLU C 81 -8.80 -25.66 -16.98
CA GLU C 81 -8.04 -26.82 -17.41
C GLU C 81 -7.36 -27.47 -16.17
N ARG C 82 -6.91 -26.63 -15.25
CA ARG C 82 -6.26 -27.08 -14.01
C ARG C 82 -7.26 -27.86 -13.16
N PHE C 83 -8.48 -27.36 -13.11
CA PHE C 83 -9.56 -27.95 -12.34
C PHE C 83 -9.98 -29.36 -12.83
N GLU C 84 -9.90 -29.59 -14.14
CA GLU C 84 -10.30 -30.86 -14.76
C GLU C 84 -9.24 -31.95 -14.68
N ILE C 85 -9.11 -32.52 -13.49
CA ILE C 85 -8.12 -33.55 -13.28
C ILE C 85 -8.67 -34.95 -13.54
N PRO C 86 -8.03 -35.70 -14.45
CA PRO C 86 -8.46 -37.06 -14.77
C PRO C 86 -8.13 -38.02 -13.62
N GLU C 87 -9.06 -38.88 -13.24
CA GLU C 87 -8.80 -39.82 -12.15
C GLU C 87 -7.99 -41.01 -12.67
N PRO C 88 -7.15 -41.60 -11.82
CA PRO C 88 -6.31 -42.74 -12.19
C PRO C 88 -7.09 -44.04 -12.46
N GLU C 89 -6.48 -44.91 -13.25
CA GLU C 89 -7.07 -46.18 -13.61
C GLU C 89 -6.93 -47.13 -12.42
N PRO C 90 -7.84 -48.10 -12.28
CA PRO C 90 -7.78 -49.05 -11.17
C PRO C 90 -6.43 -49.74 -11.09
N THR C 91 -5.93 -49.95 -9.88
CA THR C 91 -4.64 -50.62 -9.69
C THR C 91 -4.83 -52.12 -9.89
N GLU C 92 -3.75 -52.88 -9.81
CA GLU C 92 -3.81 -54.32 -9.99
C GLU C 92 -4.72 -54.98 -8.96
N ALA C 93 -4.63 -54.53 -7.71
CA ALA C 93 -5.47 -55.08 -6.66
C ALA C 93 -6.96 -54.80 -6.94
N ASP C 94 -7.27 -53.60 -7.45
CA ASP C 94 -8.64 -53.24 -7.79
C ASP C 94 -9.17 -54.12 -8.91
N ARG C 95 -8.38 -54.27 -9.99
CA ARG C 95 -8.76 -55.10 -11.11
C ARG C 95 -9.05 -56.53 -10.66
N ILE C 96 -8.23 -57.07 -9.76
CA ILE C 96 -8.44 -58.43 -9.29
C ILE C 96 -9.79 -58.55 -8.57
N ALA C 97 -10.13 -57.54 -7.77
CA ALA C 97 -11.40 -57.55 -7.06
C ALA C 97 -12.57 -57.44 -8.06
N ILE C 98 -12.53 -56.42 -8.92
CA ILE C 98 -13.58 -56.23 -9.92
C ILE C 98 -13.81 -57.51 -10.71
N GLU C 99 -12.71 -58.17 -11.03
CA GLU C 99 -12.71 -59.38 -11.80
C GLU C 99 -13.34 -60.57 -11.07
N ASN C 100 -13.52 -60.46 -9.75
CA ASN C 100 -14.14 -61.53 -8.97
C ASN C 100 -15.55 -61.18 -8.58
N GLY C 101 -16.03 -60.07 -9.13
CA GLY C 101 -17.39 -59.65 -8.86
C GLY C 101 -17.61 -58.88 -7.57
N ASP C 102 -16.55 -58.44 -6.92
CA ASP C 102 -16.75 -57.69 -5.69
C ASP C 102 -16.24 -56.25 -5.76
N GLN C 103 -16.58 -55.49 -4.73
CA GLN C 103 -16.20 -54.09 -4.66
C GLN C 103 -14.71 -53.87 -4.39
N PRO C 104 -14.07 -52.99 -5.19
CA PRO C 104 -12.65 -52.69 -5.04
C PRO C 104 -12.45 -51.76 -3.85
N LEU C 105 -11.33 -51.91 -3.15
CA LEU C 105 -11.04 -51.03 -2.00
C LEU C 105 -10.67 -49.65 -2.54
N SER C 106 -10.06 -49.61 -3.72
CA SER C 106 -9.63 -48.37 -4.39
C SER C 106 -8.83 -47.47 -3.45
N ALA C 107 -7.89 -48.06 -2.71
CA ALA C 107 -7.05 -47.35 -1.77
C ALA C 107 -6.30 -46.17 -2.39
N GLU C 108 -5.64 -46.40 -3.53
CA GLU C 108 -4.89 -45.34 -4.19
C GLU C 108 -5.76 -44.25 -4.80
N LEU C 109 -6.87 -44.64 -5.40
CA LEU C 109 -7.78 -43.66 -5.98
C LEU C 109 -8.27 -42.71 -4.89
N LYS C 110 -8.67 -43.26 -3.75
CA LYS C 110 -9.17 -42.45 -2.63
C LYS C 110 -8.11 -41.52 -2.06
N ARG C 111 -6.88 -41.98 -2.05
CA ARG C 111 -5.80 -41.16 -1.53
C ARG C 111 -5.56 -40.02 -2.53
N PHE C 112 -5.58 -40.33 -3.82
CA PHE C 112 -5.37 -39.33 -4.84
C PHE C 112 -6.44 -38.23 -4.79
N ARG C 113 -7.69 -38.59 -4.50
CA ARG C 113 -8.76 -37.60 -4.45
C ARG C 113 -8.60 -36.71 -3.23
N LYS C 114 -8.17 -37.31 -2.15
CA LYS C 114 -7.98 -36.61 -0.90
C LYS C 114 -6.72 -35.74 -0.84
N GLU C 115 -5.62 -36.24 -1.37
CA GLU C 115 -4.40 -35.47 -1.30
C GLU C 115 -4.00 -34.71 -2.54
N TYR C 116 -4.71 -34.86 -3.65
CA TYR C 116 -4.34 -34.10 -4.84
C TYR C 116 -5.51 -33.37 -5.46
N ILE C 117 -6.54 -34.11 -5.85
CA ILE C 117 -7.71 -33.51 -6.49
C ILE C 117 -8.46 -32.48 -5.69
N GLN C 118 -8.84 -32.84 -4.48
CA GLN C 118 -9.60 -31.95 -3.63
C GLN C 118 -8.88 -30.66 -3.32
N PRO C 119 -7.64 -30.74 -2.82
CA PRO C 119 -6.93 -29.50 -2.53
C PRO C 119 -6.68 -28.65 -3.79
N VAL C 120 -6.42 -29.29 -4.93
CA VAL C 120 -6.20 -28.50 -6.15
C VAL C 120 -7.50 -27.85 -6.61
N GLN C 121 -8.61 -28.57 -6.57
CA GLN C 121 -9.87 -28.01 -7.02
C GLN C 121 -10.36 -26.90 -6.08
N LEU C 122 -10.17 -27.10 -4.78
CA LEU C 122 -10.58 -26.09 -3.83
C LEU C 122 -9.77 -24.82 -4.03
N ARG C 123 -8.48 -24.99 -4.28
CA ARG C 123 -7.63 -23.85 -4.52
C ARG C 123 -7.95 -23.14 -5.83
N VAL C 124 -8.43 -23.87 -6.83
CA VAL C 124 -8.83 -23.25 -8.09
C VAL C 124 -10.05 -22.39 -7.80
N LEU C 125 -10.99 -22.97 -7.04
CA LEU C 125 -12.20 -22.27 -6.67
C LEU C 125 -11.86 -21.06 -5.81
N ASN C 126 -10.83 -21.17 -4.97
CA ASN C 126 -10.43 -20.05 -4.14
C ASN C 126 -10.00 -18.89 -5.02
N VAL C 127 -9.22 -19.20 -6.07
CA VAL C 127 -8.77 -18.18 -7.01
C VAL C 127 -9.98 -17.52 -7.67
N CYS C 128 -10.96 -18.33 -8.07
CA CYS C 128 -12.13 -17.78 -8.72
C CYS C 128 -12.88 -16.81 -7.82
N ARG C 129 -13.07 -17.18 -6.56
CA ARG C 129 -13.79 -16.35 -5.60
C ARG C 129 -13.10 -15.00 -5.36
N HIS C 130 -11.80 -15.04 -5.08
CA HIS C 130 -11.01 -13.83 -4.88
C HIS C 130 -11.00 -12.98 -6.13
N TRP C 131 -10.93 -13.63 -7.30
CA TRP C 131 -10.90 -12.94 -8.59
C TRP C 131 -12.14 -12.10 -8.78
N VAL C 132 -13.30 -12.73 -8.58
CA VAL C 132 -14.59 -12.07 -8.72
C VAL C 132 -14.83 -11.07 -7.59
N GLU C 133 -14.39 -11.42 -6.40
CA GLU C 133 -14.58 -10.59 -5.22
C GLU C 133 -13.78 -9.29 -5.19
N HIS C 134 -12.50 -9.37 -5.51
CA HIS C 134 -11.66 -8.19 -5.44
C HIS C 134 -11.06 -7.66 -6.75
N HIS C 135 -11.40 -8.29 -7.87
CA HIS C 135 -10.88 -7.85 -9.16
C HIS C 135 -11.98 -7.98 -10.19
N PHE C 136 -13.18 -7.55 -9.79
CA PHE C 136 -14.34 -7.64 -10.66
C PHE C 136 -14.24 -6.83 -11.94
N TYR C 137 -13.38 -5.81 -11.99
CA TYR C 137 -13.28 -5.01 -13.20
C TYR C 137 -12.93 -5.83 -14.44
N ASP C 138 -12.20 -6.93 -14.27
CA ASP C 138 -11.86 -7.78 -15.41
C ASP C 138 -13.18 -8.26 -16.04
N PHE C 139 -14.14 -8.59 -15.20
CA PHE C 139 -15.43 -9.08 -15.64
C PHE C 139 -16.35 -7.97 -16.18
N GLU C 140 -16.21 -6.78 -15.61
CA GLU C 140 -17.01 -5.63 -16.05
C GLU C 140 -16.59 -5.22 -17.46
N ARG C 141 -15.29 -5.35 -17.75
CA ARG C 141 -14.77 -4.96 -19.05
C ARG C 141 -14.91 -6.03 -20.12
N ASP C 142 -15.21 -7.27 -19.72
CA ASP C 142 -15.37 -8.35 -20.68
C ASP C 142 -16.60 -9.19 -20.32
N ALA C 143 -17.70 -8.95 -21.03
CA ALA C 143 -18.95 -9.65 -20.77
C ALA C 143 -18.82 -11.16 -20.93
N TYR C 144 -18.14 -11.60 -21.99
CA TYR C 144 -17.96 -13.03 -22.23
C TYR C 144 -17.16 -13.68 -21.10
N LEU C 145 -16.17 -12.97 -20.55
CA LEU C 145 -15.36 -13.52 -19.48
C LEU C 145 -16.27 -13.91 -18.31
N LEU C 146 -17.21 -13.02 -17.97
CA LEU C 146 -18.13 -13.27 -16.88
C LEU C 146 -19.03 -14.44 -17.23
N GLN C 147 -19.58 -14.47 -18.43
CA GLN C 147 -20.44 -15.58 -18.84
C GLN C 147 -19.71 -16.93 -18.71
N ARG C 148 -18.45 -16.96 -19.10
CA ARG C 148 -17.67 -18.19 -19.02
C ARG C 148 -17.46 -18.62 -17.57
N MET C 149 -17.26 -17.66 -16.68
CA MET C 149 -17.04 -17.97 -15.27
C MET C 149 -18.31 -18.51 -14.66
N GLU C 150 -19.43 -17.85 -14.97
CA GLU C 150 -20.72 -18.25 -14.45
C GLU C 150 -21.07 -19.64 -14.96
N GLU C 151 -20.71 -19.92 -16.21
CA GLU C 151 -21.01 -21.24 -16.77
C GLU C 151 -20.07 -22.30 -16.19
N PHE C 152 -18.81 -21.94 -15.94
CA PHE C 152 -17.88 -22.89 -15.37
C PHE C 152 -18.38 -23.28 -13.98
N ILE C 153 -18.60 -22.29 -13.12
CA ILE C 153 -19.07 -22.53 -11.76
C ILE C 153 -20.38 -23.34 -11.72
N GLY C 154 -21.24 -23.11 -12.71
CA GLY C 154 -22.51 -23.82 -12.79
C GLY C 154 -22.42 -25.23 -13.32
N THR C 155 -21.27 -25.60 -13.87
CA THR C 155 -21.12 -26.95 -14.40
C THR C 155 -20.47 -27.88 -13.37
N VAL C 156 -19.91 -27.31 -12.31
CA VAL C 156 -19.24 -28.10 -11.28
C VAL C 156 -20.20 -29.03 -10.51
N ARG C 157 -20.03 -30.33 -10.70
CA ARG C 157 -20.87 -31.30 -10.02
C ARG C 157 -20.21 -31.90 -8.80
N GLY C 158 -21.01 -32.59 -7.97
CA GLY C 158 -20.48 -33.20 -6.78
C GLY C 158 -20.87 -32.45 -5.53
N LYS C 159 -21.18 -33.19 -4.47
CA LYS C 159 -21.57 -32.59 -3.19
C LYS C 159 -20.36 -32.06 -2.43
N ALA C 160 -19.17 -32.54 -2.80
CA ALA C 160 -17.93 -32.11 -2.16
C ALA C 160 -17.51 -30.72 -2.62
N MET C 161 -18.36 -30.05 -3.38
CA MET C 161 -18.03 -28.72 -3.88
C MET C 161 -19.23 -27.81 -3.82
N LYS C 162 -20.42 -28.41 -3.74
CA LYS C 162 -21.65 -27.66 -3.72
C LYS C 162 -21.64 -26.45 -2.78
N LYS C 163 -21.02 -26.59 -1.61
CA LYS C 163 -20.98 -25.48 -0.66
C LYS C 163 -20.29 -24.26 -1.26
N TRP C 164 -19.13 -24.48 -1.87
CA TRP C 164 -18.38 -23.40 -2.47
C TRP C 164 -18.94 -22.92 -3.81
N VAL C 165 -19.51 -23.82 -4.59
CA VAL C 165 -20.11 -23.46 -5.87
C VAL C 165 -21.25 -22.51 -5.63
N GLU C 166 -22.13 -22.88 -4.71
CA GLU C 166 -23.29 -22.07 -4.38
C GLU C 166 -22.85 -20.71 -3.89
N SER C 167 -21.80 -20.71 -3.06
CA SER C 167 -21.28 -19.46 -2.51
C SER C 167 -20.79 -18.50 -3.58
N ILE C 168 -19.93 -18.99 -4.48
CA ILE C 168 -19.39 -18.15 -5.54
C ILE C 168 -20.48 -17.65 -6.48
N THR C 169 -21.47 -18.50 -6.76
CA THR C 169 -22.57 -18.08 -7.64
C THR C 169 -23.28 -16.86 -7.04
N LYS C 170 -23.50 -16.90 -5.73
CA LYS C 170 -24.17 -15.79 -5.06
C LYS C 170 -23.31 -14.54 -5.04
N ILE C 171 -22.01 -14.71 -4.83
CA ILE C 171 -21.10 -13.57 -4.80
C ILE C 171 -21.09 -12.89 -6.17
N ILE C 172 -21.11 -13.68 -7.24
CA ILE C 172 -21.12 -13.11 -8.58
C ILE C 172 -22.37 -12.30 -8.80
N GLN C 173 -23.52 -12.81 -8.37
CA GLN C 173 -24.77 -12.08 -8.55
C GLN C 173 -24.83 -10.80 -7.70
N ARG C 174 -24.18 -10.80 -6.54
CA ARG C 174 -24.18 -9.60 -5.70
C ARG C 174 -23.33 -8.50 -6.34
N LYS C 175 -22.28 -8.90 -7.07
CA LYS C 175 -21.41 -7.94 -7.74
C LYS C 175 -22.10 -7.27 -8.94
N LYS C 176 -23.13 -7.91 -9.46
CA LYS C 176 -23.87 -7.37 -10.59
C LYS C 176 -24.99 -6.42 -10.21
N ILE C 177 -25.60 -6.64 -9.05
CA ILE C 177 -26.70 -5.79 -8.60
C ILE C 177 -26.24 -4.42 -8.09
N ALA C 178 -25.11 -4.41 -7.39
CA ALA C 178 -24.57 -3.16 -6.86
C ALA C 178 -23.16 -3.43 -6.36
N HIS C 185 -21.76 -1.71 4.53
CA HIS C 185 -20.43 -1.67 5.19
C HIS C 185 -20.49 -0.79 6.46
N ASN C 186 -21.19 -1.27 7.47
CA ASN C 186 -21.31 -0.54 8.72
C ASN C 186 -20.01 -0.67 9.53
N ILE C 187 -19.81 0.23 10.50
CA ILE C 187 -18.61 0.21 11.33
C ILE C 187 -18.97 0.26 12.82
N THR C 188 -18.38 -0.64 13.60
CA THR C 188 -18.61 -0.71 15.05
C THR C 188 -17.34 -0.27 15.76
N PHE C 189 -17.49 0.49 16.83
CA PHE C 189 -16.33 0.95 17.56
C PHE C 189 -16.27 0.57 19.01
N GLN C 190 -15.05 0.46 19.52
CA GLN C 190 -14.78 0.15 20.92
C GLN C 190 -15.46 1.25 21.74
N SER C 191 -14.88 2.44 21.67
CA SER C 191 -15.39 3.60 22.39
C SER C 191 -16.27 4.49 21.49
N SER C 192 -16.65 5.64 22.01
CA SER C 192 -17.48 6.57 21.25
C SER C 192 -16.61 7.74 20.76
N PRO C 193 -16.95 8.32 19.60
CA PRO C 193 -16.17 9.44 19.05
C PRO C 193 -16.23 10.69 19.93
N PRO C 194 -15.14 11.48 19.97
CA PRO C 194 -15.12 12.69 20.78
C PRO C 194 -16.09 13.74 20.24
N THR C 195 -16.53 14.65 21.11
CA THR C 195 -17.46 15.72 20.75
C THR C 195 -16.85 16.72 19.76
N VAL C 196 -17.63 17.14 18.76
CA VAL C 196 -17.14 18.11 17.77
C VAL C 196 -16.86 19.44 18.45
N GLU C 197 -15.73 20.07 18.15
CA GLU C 197 -15.40 21.34 18.80
C GLU C 197 -15.63 22.56 17.90
N TRP C 198 -16.18 23.63 18.48
CA TRP C 198 -16.44 24.87 17.75
C TRP C 198 -15.71 26.02 18.41
N HIS C 199 -15.33 27.00 17.60
CA HIS C 199 -14.60 28.17 18.06
C HIS C 199 -15.44 29.42 17.76
N ILE C 200 -14.97 30.29 16.86
CA ILE C 200 -15.70 31.51 16.50
C ILE C 200 -16.92 31.19 15.61
N SER C 201 -16.69 30.47 14.51
CA SER C 201 -17.81 30.09 13.62
C SER C 201 -18.68 29.11 14.41
N ARG C 202 -20.00 29.28 14.32
CA ARG C 202 -20.90 28.38 15.02
C ARG C 202 -21.58 27.43 14.02
N PRO C 203 -22.18 26.35 14.53
CA PRO C 203 -22.88 25.36 13.68
C PRO C 203 -23.91 26.02 12.76
N GLY C 204 -23.86 25.64 11.48
CA GLY C 204 -24.81 26.18 10.51
C GLY C 204 -24.40 27.47 9.84
N HIS C 205 -23.39 28.16 10.38
CA HIS C 205 -22.97 29.42 9.79
C HIS C 205 -21.77 29.22 8.88
N ILE C 206 -21.92 28.35 7.90
CA ILE C 206 -20.85 28.05 6.95
C ILE C 206 -20.22 29.25 6.25
N GLU C 207 -20.92 30.38 6.23
CA GLU C 207 -20.39 31.58 5.57
C GLU C 207 -19.23 32.23 6.34
N THR C 208 -19.11 31.94 7.63
CA THR C 208 -18.03 32.50 8.46
C THR C 208 -16.82 31.56 8.57
N PHE C 209 -16.93 30.35 8.05
CA PHE C 209 -15.85 29.39 8.10
C PHE C 209 -14.55 29.90 7.46
N ASP C 210 -13.46 29.73 8.19
CA ASP C 210 -12.14 30.12 7.71
C ASP C 210 -11.07 29.51 8.63
N LEU C 211 -9.81 29.64 8.24
CA LEU C 211 -8.71 29.08 9.01
C LEU C 211 -8.71 29.45 10.49
N LEU C 212 -8.96 30.71 10.83
CA LEU C 212 -8.93 31.14 12.23
C LEU C 212 -10.26 31.13 12.99
N THR C 213 -11.37 30.96 12.29
CA THR C 213 -12.68 30.95 12.93
C THR C 213 -13.16 29.54 13.29
N LEU C 214 -12.69 28.54 12.54
CA LEU C 214 -13.01 27.16 12.84
C LEU C 214 -12.03 26.75 13.94
N HIS C 215 -12.42 25.80 14.78
CA HIS C 215 -11.53 25.32 15.85
C HIS C 215 -10.40 24.51 15.21
N PRO C 216 -9.13 24.80 15.60
CA PRO C 216 -8.02 24.04 15.00
C PRO C 216 -8.12 22.53 15.17
N ILE C 217 -8.67 22.08 16.30
CA ILE C 217 -8.82 20.65 16.55
C ILE C 217 -9.77 20.07 15.52
N GLU C 218 -10.89 20.74 15.27
CA GLU C 218 -11.86 20.24 14.32
C GLU C 218 -11.36 20.32 12.85
N ILE C 219 -10.50 21.30 12.55
CA ILE C 219 -9.93 21.42 11.21
C ILE C 219 -9.10 20.16 10.95
N ALA C 220 -8.20 19.84 11.87
CA ALA C 220 -7.36 18.64 11.77
C ALA C 220 -8.19 17.36 11.69
N ARG C 221 -9.25 17.26 12.50
CA ARG C 221 -10.09 16.06 12.49
C ARG C 221 -10.82 15.87 11.17
N GLN C 222 -11.53 16.91 10.73
CA GLN C 222 -12.30 16.83 9.50
C GLN C 222 -11.40 16.57 8.29
N LEU C 223 -10.23 17.21 8.25
CA LEU C 223 -9.30 16.99 7.16
C LEU C 223 -8.75 15.57 7.25
N THR C 224 -8.63 15.04 8.46
CA THR C 224 -8.10 13.69 8.60
C THR C 224 -9.13 12.66 8.11
N LEU C 225 -10.40 12.92 8.34
CA LEU C 225 -11.46 12.05 7.88
C LEU C 225 -11.46 12.10 6.37
N LEU C 226 -11.39 13.32 5.85
CA LEU C 226 -11.35 13.53 4.43
C LEU C 226 -10.18 12.79 3.80
N GLU C 227 -8.98 13.05 4.32
CA GLU C 227 -7.77 12.45 3.78
C GLU C 227 -7.71 10.95 3.97
N SER C 228 -8.37 10.46 5.00
CA SER C 228 -8.40 9.02 5.27
C SER C 228 -9.23 8.33 4.19
N ASP C 229 -10.41 8.91 3.90
CA ASP C 229 -11.28 8.35 2.87
C ASP C 229 -10.61 8.38 1.49
N LEU C 230 -9.87 9.43 1.17
CA LEU C 230 -9.21 9.46 -0.14
C LEU C 230 -8.16 8.35 -0.20
N TYR C 231 -7.42 8.15 0.88
CA TYR C 231 -6.38 7.12 0.95
C TYR C 231 -6.95 5.72 0.82
N ARG C 232 -8.03 5.49 1.55
CA ARG C 232 -8.70 4.19 1.55
C ARG C 232 -9.36 3.86 0.21
N ALA C 233 -9.59 4.85 -0.65
CA ALA C 233 -10.23 4.57 -1.92
C ALA C 233 -9.25 4.21 -3.06
N VAL C 234 -7.95 4.23 -2.80
CA VAL C 234 -7.01 3.90 -3.86
C VAL C 234 -6.87 2.38 -4.03
N GLN C 235 -7.19 1.90 -5.23
CA GLN C 235 -7.09 0.48 -5.54
C GLN C 235 -5.76 0.14 -6.21
N PRO C 236 -5.29 -1.11 -6.07
CA PRO C 236 -4.02 -1.56 -6.66
C PRO C 236 -3.94 -1.36 -8.18
N SER C 237 -5.06 -1.57 -8.87
CA SER C 237 -5.12 -1.41 -10.31
C SER C 237 -4.65 -0.01 -10.75
N GLU C 238 -4.75 0.96 -9.85
CA GLU C 238 -4.31 2.33 -10.12
C GLU C 238 -2.79 2.50 -10.00
N LEU C 239 -2.12 1.48 -9.44
CA LEU C 239 -0.67 1.50 -9.22
C LEU C 239 0.15 0.56 -10.12
N VAL C 240 -0.32 -0.66 -10.29
CA VAL C 240 0.38 -1.66 -11.09
C VAL C 240 0.65 -1.18 -12.50
N GLY C 241 1.83 -1.50 -13.01
CA GLY C 241 2.22 -1.06 -14.35
C GLY C 241 2.59 0.42 -14.41
N SER C 242 2.67 1.08 -13.25
CA SER C 242 3.02 2.50 -13.20
C SER C 242 2.07 3.38 -14.03
N VAL C 243 0.82 2.94 -14.15
CA VAL C 243 -0.20 3.64 -14.92
C VAL C 243 -0.51 5.09 -14.52
N TRP C 244 -0.17 5.49 -13.30
CA TRP C 244 -0.45 6.89 -12.90
C TRP C 244 0.51 7.86 -13.55
N THR C 245 1.53 7.33 -14.21
CA THR C 245 2.53 8.17 -14.86
C THR C 245 2.36 8.20 -16.38
N LYS C 246 1.40 7.45 -16.90
CA LYS C 246 1.18 7.37 -18.35
C LYS C 246 0.09 8.33 -18.84
N GLU C 247 0.03 8.48 -20.16
CA GLU C 247 -0.95 9.37 -20.79
C GLU C 247 -2.41 9.18 -20.37
N ASP C 248 -2.78 7.94 -20.03
CA ASP C 248 -4.14 7.62 -19.63
C ASP C 248 -4.38 7.60 -18.10
N LYS C 249 -3.47 8.22 -17.37
CA LYS C 249 -3.53 8.26 -15.92
C LYS C 249 -4.85 8.73 -15.33
N GLU C 250 -5.49 9.68 -15.98
CA GLU C 250 -6.75 10.22 -15.49
C GLU C 250 -7.83 9.14 -15.52
N ILE C 251 -7.70 8.22 -16.47
CA ILE C 251 -8.64 7.11 -16.63
C ILE C 251 -8.28 5.94 -15.72
N ASN C 252 -6.99 5.62 -15.67
CA ASN C 252 -6.52 4.48 -14.87
C ASN C 252 -6.23 4.73 -13.39
N SER C 253 -5.95 5.98 -13.00
CA SER C 253 -5.64 6.25 -11.59
C SER C 253 -6.41 7.41 -10.99
N PRO C 254 -7.73 7.49 -11.27
CA PRO C 254 -8.57 8.58 -10.77
C PRO C 254 -8.59 8.80 -9.25
N ASN C 255 -8.70 7.74 -8.46
CA ASN C 255 -8.70 7.93 -7.00
C ASN C 255 -7.33 8.38 -6.48
N LEU C 256 -6.26 7.85 -7.05
CA LEU C 256 -4.94 8.26 -6.63
C LEU C 256 -4.76 9.74 -6.92
N LEU C 257 -5.14 10.17 -8.12
CA LEU C 257 -5.00 11.57 -8.49
C LEU C 257 -5.91 12.47 -7.66
N LYS C 258 -7.10 12.00 -7.31
CA LYS C 258 -7.97 12.83 -6.46
C LYS C 258 -7.25 13.07 -5.14
N MET C 259 -6.66 12.03 -4.57
CA MET C 259 -5.94 12.16 -3.30
C MET C 259 -4.78 13.16 -3.35
N ILE C 260 -3.93 13.01 -4.37
CA ILE C 260 -2.78 13.90 -4.54
C ILE C 260 -3.21 15.34 -4.78
N ARG C 261 -4.25 15.52 -5.61
CA ARG C 261 -4.74 16.88 -5.89
C ARG C 261 -5.31 17.54 -4.64
N HIS C 262 -5.92 16.77 -3.75
CA HIS C 262 -6.45 17.35 -2.52
C HIS C 262 -5.29 17.83 -1.65
N THR C 263 -4.23 17.02 -1.58
CA THR C 263 -3.07 17.36 -0.77
C THR C 263 -2.43 18.65 -1.28
N THR C 264 -2.28 18.75 -2.60
CA THR C 264 -1.67 19.90 -3.24
C THR C 264 -2.49 21.15 -2.97
N ASN C 265 -3.81 21.01 -3.13
CA ASN C 265 -4.71 22.12 -2.92
C ASN C 265 -4.70 22.66 -1.50
N LEU C 266 -4.53 21.77 -0.55
CA LEU C 266 -4.51 22.16 0.84
C LEU C 266 -3.20 22.87 1.18
N THR C 267 -2.11 22.41 0.56
CA THR C 267 -0.79 23.01 0.79
C THR C 267 -0.80 24.45 0.27
N LEU C 268 -1.41 24.65 -0.90
CA LEU C 268 -1.49 25.98 -1.50
C LEU C 268 -2.41 26.88 -0.68
N TRP C 269 -3.49 26.32 -0.13
CA TRP C 269 -4.39 27.12 0.72
C TRP C 269 -3.62 27.63 1.95
N PHE C 270 -2.80 26.79 2.56
CA PHE C 270 -2.01 27.22 3.71
C PHE C 270 -1.04 28.36 3.29
N GLU C 271 -0.41 28.21 2.14
CA GLU C 271 0.53 29.20 1.63
C GLU C 271 -0.19 30.52 1.37
N LYS C 272 -1.37 30.44 0.76
CA LYS C 272 -2.17 31.61 0.45
C LYS C 272 -2.65 32.34 1.70
N CYS C 273 -3.10 31.58 2.71
CA CYS C 273 -3.56 32.16 3.96
C CYS C 273 -2.44 32.98 4.62
N ILE C 274 -1.21 32.46 4.53
CA ILE C 274 -0.06 33.13 5.12
C ILE C 274 0.37 34.43 4.42
N VAL C 275 0.69 34.34 3.12
CA VAL C 275 1.17 35.50 2.37
C VAL C 275 0.13 36.57 2.09
N GLU C 276 -1.16 36.24 2.17
CA GLU C 276 -2.18 37.24 1.94
C GLU C 276 -2.50 37.96 3.25
N THR C 277 -1.88 37.53 4.34
CA THR C 277 -2.08 38.20 5.63
C THR C 277 -0.86 39.11 5.76
N GLU C 278 -0.99 40.31 5.22
CA GLU C 278 0.09 41.29 5.19
C GLU C 278 0.59 41.81 6.53
N ASN C 279 -0.32 42.02 7.47
CA ASN C 279 0.08 42.51 8.78
C ASN C 279 0.94 41.44 9.47
N LEU C 280 2.14 41.82 9.92
CA LEU C 280 3.07 40.89 10.59
C LEU C 280 2.46 40.12 11.78
N GLU C 281 1.90 40.86 12.73
CA GLU C 281 1.30 40.25 13.90
C GLU C 281 0.20 39.23 13.54
N GLU C 282 -0.68 39.59 12.61
CA GLU C 282 -1.73 38.66 12.22
C GLU C 282 -1.15 37.44 11.50
N ARG C 283 -0.14 37.66 10.65
CA ARG C 283 0.48 36.57 9.93
C ARG C 283 1.11 35.60 10.91
N VAL C 284 1.69 36.13 11.98
CA VAL C 284 2.28 35.29 13.01
C VAL C 284 1.17 34.39 13.58
N ALA C 285 0.00 34.98 13.82
CA ALA C 285 -1.12 34.22 14.37
C ALA C 285 -1.57 33.15 13.38
N VAL C 286 -1.48 33.46 12.08
CA VAL C 286 -1.86 32.49 11.06
C VAL C 286 -0.84 31.34 11.04
N VAL C 287 0.44 31.65 11.03
CA VAL C 287 1.45 30.59 11.01
C VAL C 287 1.32 29.68 12.24
N SER C 288 1.14 30.32 13.38
CA SER C 288 1.01 29.63 14.65
C SER C 288 -0.20 28.66 14.63
N ARG C 289 -1.32 29.11 14.10
CA ARG C 289 -2.51 28.29 14.03
C ARG C 289 -2.25 27.06 13.16
N ILE C 290 -1.58 27.25 12.02
CA ILE C 290 -1.25 26.15 11.12
C ILE C 290 -0.33 25.14 11.80
N ILE C 291 0.64 25.62 12.58
CA ILE C 291 1.51 24.68 13.29
C ILE C 291 0.70 23.89 14.35
N GLU C 292 -0.32 24.50 14.95
CA GLU C 292 -1.16 23.78 15.91
C GLU C 292 -1.97 22.71 15.19
N ILE C 293 -2.41 23.02 13.97
CA ILE C 293 -3.17 22.03 13.20
C ILE C 293 -2.22 20.86 12.94
N LEU C 294 -0.97 21.18 12.66
CA LEU C 294 0.07 20.17 12.43
C LEU C 294 0.19 19.26 13.63
N GLN C 295 0.19 19.87 14.80
CA GLN C 295 0.30 19.15 16.07
C GLN C 295 -0.83 18.12 16.24
N VAL C 296 -2.04 18.50 15.84
CA VAL C 296 -3.15 17.58 15.96
C VAL C 296 -3.03 16.46 14.91
N PHE C 297 -2.52 16.80 13.72
CA PHE C 297 -2.31 15.80 12.65
C PHE C 297 -1.40 14.70 13.15
N GLN C 298 -0.33 15.09 13.85
CA GLN C 298 0.64 14.17 14.38
C GLN C 298 0.01 13.26 15.44
N GLU C 299 -0.85 13.82 16.30
CA GLU C 299 -1.53 13.03 17.32
C GLU C 299 -2.47 12.03 16.66
N LEU C 300 -3.02 12.39 15.49
CA LEU C 300 -3.95 11.51 14.78
C LEU C 300 -3.24 10.56 13.80
N ASN C 301 -1.92 10.65 13.74
CA ASN C 301 -1.14 9.84 12.82
C ASN C 301 -1.51 10.12 11.37
N ASN C 302 -1.88 11.37 11.10
CA ASN C 302 -2.20 11.74 9.73
C ASN C 302 -0.92 12.33 9.14
N PHE C 303 -0.05 11.45 8.66
CA PHE C 303 1.23 11.85 8.08
C PHE C 303 1.06 12.66 6.81
N ASN C 304 0.04 12.34 6.02
CA ASN C 304 -0.20 13.11 4.81
C ASN C 304 -0.49 14.57 5.21
N GLY C 305 -1.32 14.75 6.24
CA GLY C 305 -1.61 16.09 6.74
C GLY C 305 -0.36 16.80 7.24
N VAL C 306 0.46 16.09 8.02
CA VAL C 306 1.69 16.63 8.56
C VAL C 306 2.57 17.15 7.42
N LEU C 307 2.73 16.34 6.37
CA LEU C 307 3.55 16.76 5.24
C LEU C 307 2.95 17.90 4.40
N GLU C 308 1.63 18.05 4.38
CA GLU C 308 1.03 19.16 3.62
C GLU C 308 1.46 20.46 4.29
N VAL C 309 1.48 20.48 5.62
CA VAL C 309 1.91 21.65 6.37
C VAL C 309 3.40 21.91 6.16
N VAL C 310 4.20 20.85 6.28
CA VAL C 310 5.65 20.98 6.07
C VAL C 310 5.97 21.51 4.67
N SER C 311 5.32 20.97 3.64
CA SER C 311 5.56 21.45 2.27
C SER C 311 5.21 22.92 2.15
N ALA C 312 4.16 23.34 2.85
CA ALA C 312 3.74 24.74 2.82
C ALA C 312 4.77 25.63 3.49
N MET C 313 5.24 25.21 4.65
CA MET C 313 6.24 25.97 5.40
C MET C 313 7.59 26.03 4.67
N ASN C 314 7.82 25.08 3.78
CA ASN C 314 9.07 25.02 3.05
C ASN C 314 9.01 25.49 1.61
N SER C 315 7.85 26.06 1.23
CA SER C 315 7.68 26.57 -0.13
C SER C 315 8.44 27.89 -0.23
N SER C 316 8.77 28.28 -1.45
CA SER C 316 9.52 29.50 -1.70
C SER C 316 8.91 30.75 -1.09
N PRO C 317 7.60 30.96 -1.29
CA PRO C 317 6.96 32.14 -0.72
C PRO C 317 7.02 32.19 0.80
N VAL C 318 6.90 31.04 1.47
CA VAL C 318 6.87 31.03 2.94
C VAL C 318 8.21 30.86 3.65
N TYR C 319 9.04 30.00 3.10
CA TYR C 319 10.35 29.70 3.67
C TYR C 319 11.20 30.95 3.97
N ARG C 320 11.04 31.96 3.14
CA ARG C 320 11.83 33.18 3.27
C ARG C 320 11.34 34.27 4.23
N LEU C 321 10.22 34.04 4.91
CA LEU C 321 9.68 35.04 5.81
C LEU C 321 10.32 35.01 7.20
N ASP C 322 11.60 35.39 7.26
CA ASP C 322 12.36 35.38 8.52
C ASP C 322 11.74 36.18 9.65
N HIS C 323 11.18 37.35 9.36
CA HIS C 323 10.57 38.18 10.40
C HIS C 323 9.37 37.50 11.04
N THR C 324 8.69 36.67 10.26
CA THR C 324 7.52 35.96 10.76
C THR C 324 7.93 34.82 11.69
N PHE C 325 8.81 33.96 11.22
CA PHE C 325 9.26 32.83 12.02
C PHE C 325 10.04 33.24 13.28
N GLU C 326 10.61 34.44 13.29
CA GLU C 326 11.35 34.95 14.46
C GLU C 326 10.41 35.13 15.63
N GLN C 327 9.15 35.47 15.36
CA GLN C 327 8.16 35.68 16.41
C GLN C 327 7.36 34.44 16.84
N ILE C 328 7.60 33.33 16.16
CA ILE C 328 6.90 32.09 16.50
C ILE C 328 7.53 31.54 17.78
N PRO C 329 6.72 31.17 18.78
CA PRO C 329 7.31 30.65 20.02
C PRO C 329 8.16 29.41 19.81
N SER C 330 9.24 29.33 20.58
CA SER C 330 10.20 28.24 20.52
C SER C 330 9.60 26.82 20.52
N ARG C 331 8.59 26.58 21.35
CA ARG C 331 7.99 25.26 21.39
C ARG C 331 7.44 24.86 20.01
N GLN C 332 6.86 25.82 19.30
CA GLN C 332 6.28 25.57 17.98
C GLN C 332 7.34 25.40 16.89
N LYS C 333 8.45 26.11 17.03
CA LYS C 333 9.54 25.98 16.07
C LYS C 333 10.04 24.54 16.14
N LYS C 334 10.10 24.00 17.35
CA LYS C 334 10.59 22.64 17.54
C LYS C 334 9.62 21.64 16.91
N ILE C 335 8.31 21.87 17.07
CA ILE C 335 7.32 20.98 16.51
C ILE C 335 7.46 20.93 15.00
N LEU C 336 7.58 22.11 14.38
CA LEU C 336 7.75 22.20 12.93
C LEU C 336 9.05 21.52 12.50
N GLU C 337 10.14 21.76 13.23
CA GLU C 337 11.43 21.15 12.93
C GLU C 337 11.42 19.62 13.01
N GLU C 338 10.75 19.08 14.02
CA GLU C 338 10.67 17.63 14.15
C GLU C 338 9.89 17.04 12.98
N ALA C 339 8.81 17.72 12.58
CA ALA C 339 7.99 17.27 11.46
C ALA C 339 8.83 17.31 10.19
N HIS C 340 9.58 18.39 10.00
CA HIS C 340 10.42 18.49 8.82
C HIS C 340 11.48 17.39 8.78
N GLU C 341 12.02 17.03 9.94
CA GLU C 341 13.03 15.97 10.01
C GLU C 341 12.52 14.61 9.54
N LEU C 342 11.21 14.41 9.50
CA LEU C 342 10.68 13.11 9.05
C LEU C 342 11.06 12.84 7.60
N SER C 343 11.10 13.89 6.78
CA SER C 343 11.42 13.76 5.36
C SER C 343 12.90 13.70 5.02
N GLU C 344 13.73 14.18 5.92
CA GLU C 344 15.18 14.21 5.66
C GLU C 344 15.80 12.84 5.45
N ASP C 345 16.89 12.83 4.70
CA ASP C 345 17.62 11.61 4.43
C ASP C 345 16.71 10.52 3.85
N HIS C 346 15.92 10.92 2.85
CA HIS C 346 15.01 10.02 2.16
C HIS C 346 13.96 9.43 3.09
N TYR C 347 13.36 10.28 3.92
CA TYR C 347 12.29 9.85 4.82
C TYR C 347 12.63 8.77 5.85
N LYS C 348 13.91 8.67 6.22
CA LYS C 348 14.35 7.66 7.17
C LYS C 348 13.51 7.66 8.46
N LYS C 349 13.33 8.83 9.05
CA LYS C 349 12.56 8.94 10.29
C LYS C 349 11.09 8.68 10.08
N TYR C 350 10.55 9.13 8.94
CA TYR C 350 9.15 8.88 8.64
C TYR C 350 8.87 7.37 8.59
N LEU C 351 9.70 6.65 7.83
CA LEU C 351 9.55 5.19 7.66
C LEU C 351 9.57 4.47 9.00
N ALA C 352 10.45 4.92 9.89
CA ALA C 352 10.59 4.33 11.22
C ALA C 352 9.34 4.66 12.03
N LYS C 353 8.88 5.90 11.94
CA LYS C 353 7.70 6.33 12.67
C LYS C 353 6.44 5.57 12.20
N LEU C 354 6.24 5.43 10.88
CA LEU C 354 5.07 4.73 10.34
C LEU C 354 5.01 3.28 10.84
N ARG C 355 6.18 2.62 10.90
CA ARG C 355 6.28 1.23 11.34
C ARG C 355 6.06 1.07 12.84
N SER C 356 6.09 2.17 13.58
CA SER C 356 5.94 2.09 15.01
C SER C 356 4.60 2.52 15.58
N ILE C 357 3.82 3.30 14.85
CA ILE C 357 2.54 3.74 15.41
C ILE C 357 1.44 2.70 15.46
N ASN C 358 0.37 3.05 16.15
CA ASN C 358 -0.79 2.20 16.29
C ASN C 358 -1.86 2.81 15.38
N PRO C 359 -2.21 2.12 14.28
CA PRO C 359 -3.24 2.70 13.43
C PRO C 359 -4.56 2.90 14.19
N PRO C 360 -5.52 3.63 13.60
CA PRO C 360 -5.53 4.25 12.27
C PRO C 360 -4.49 5.33 12.00
N CYS C 361 -4.13 5.45 10.73
CA CYS C 361 -3.18 6.45 10.26
C CYS C 361 -3.46 6.75 8.79
N VAL C 362 -2.87 7.84 8.31
CA VAL C 362 -3.00 8.21 6.91
C VAL C 362 -1.57 8.40 6.41
N PRO C 363 -1.01 7.36 5.78
CA PRO C 363 0.37 7.47 5.27
C PRO C 363 0.58 8.47 4.14
N PHE C 364 1.84 8.83 3.92
CA PHE C 364 2.17 9.73 2.79
C PHE C 364 2.30 8.76 1.62
N PHE C 365 1.48 8.92 0.58
CA PHE C 365 1.51 8.02 -0.56
C PHE C 365 2.75 8.18 -1.47
N GLY C 366 3.35 9.36 -1.47
CA GLY C 366 4.53 9.61 -2.31
C GLY C 366 5.60 8.54 -2.29
N ILE C 367 5.96 8.11 -1.09
CA ILE C 367 7.00 7.10 -0.92
C ILE C 367 6.67 5.84 -1.68
N TYR C 368 5.43 5.39 -1.54
CA TYR C 368 5.00 4.16 -2.23
C TYR C 368 5.12 4.28 -3.75
N LEU C 369 4.75 5.44 -4.28
CA LEU C 369 4.79 5.67 -5.71
C LEU C 369 6.21 5.56 -6.25
N THR C 370 7.16 6.18 -5.55
CA THR C 370 8.53 6.11 -5.97
C THR C 370 9.07 4.68 -5.91
N ASN C 371 8.71 3.91 -4.89
CA ASN C 371 9.22 2.54 -4.79
C ASN C 371 8.63 1.63 -5.84
N ILE C 372 7.37 1.84 -6.19
CA ILE C 372 6.74 0.99 -7.19
C ILE C 372 7.38 1.28 -8.54
N LEU C 373 7.51 2.57 -8.86
CA LEU C 373 8.07 2.97 -10.13
C LEU C 373 9.49 2.40 -10.30
N LYS C 374 10.35 2.52 -9.28
CA LYS C 374 11.70 2.00 -9.38
C LYS C 374 11.73 0.49 -9.51
N THR C 375 10.91 -0.20 -8.71
CA THR C 375 10.85 -1.65 -8.78
C THR C 375 10.45 -2.08 -10.19
N GLU C 376 9.48 -1.38 -10.77
CA GLU C 376 9.00 -1.69 -12.12
C GLU C 376 10.04 -1.44 -13.21
N GLU C 377 10.81 -0.38 -13.12
CA GLU C 377 11.77 -0.19 -14.18
C GLU C 377 13.21 -0.59 -13.87
N GLY C 378 13.42 -1.14 -12.68
CA GLY C 378 14.75 -1.60 -12.32
C GLY C 378 14.86 -3.13 -12.35
N ASN C 379 13.80 -3.79 -12.82
CA ASN C 379 13.76 -5.25 -12.92
C ASN C 379 13.15 -5.68 -14.26
N PRO C 380 13.76 -6.67 -14.93
CA PRO C 380 13.25 -7.16 -16.22
C PRO C 380 11.95 -7.95 -16.07
N GLU C 381 11.10 -7.87 -17.09
CA GLU C 381 9.83 -8.58 -17.08
C GLU C 381 10.03 -10.10 -17.18
N VAL C 382 11.11 -10.53 -17.83
CA VAL C 382 11.38 -11.96 -17.95
C VAL C 382 12.84 -12.32 -17.65
N LEU C 383 13.07 -13.56 -17.25
CA LEU C 383 14.42 -14.06 -17.00
C LEU C 383 14.63 -15.16 -18.04
N LYS C 384 15.82 -15.18 -18.65
CA LYS C 384 16.13 -16.16 -19.67
C LYS C 384 16.99 -17.28 -19.08
N ARG C 385 16.65 -18.52 -19.42
CA ARG C 385 17.39 -19.68 -18.93
C ARG C 385 17.37 -20.73 -20.04
N HIS C 386 18.54 -21.04 -20.59
CA HIS C 386 18.65 -22.05 -21.65
C HIS C 386 17.76 -21.68 -22.84
N GLY C 387 17.77 -20.40 -23.20
CA GLY C 387 16.96 -19.97 -24.31
C GLY C 387 15.49 -19.78 -23.95
N LYS C 388 15.08 -20.34 -22.81
CA LYS C 388 13.69 -20.22 -22.38
C LYS C 388 13.41 -18.88 -21.70
N GLU C 389 12.29 -18.27 -22.05
CA GLU C 389 11.92 -16.99 -21.48
C GLU C 389 10.90 -17.18 -20.35
N LEU C 390 11.35 -17.06 -19.11
CA LEU C 390 10.46 -17.25 -17.96
C LEU C 390 9.91 -15.94 -17.39
N ILE C 391 8.69 -15.97 -16.88
CA ILE C 391 8.06 -14.80 -16.26
C ILE C 391 8.81 -14.48 -14.97
N ASN C 392 9.29 -13.25 -14.86
CA ASN C 392 10.04 -12.83 -13.66
C ASN C 392 9.03 -12.54 -12.55
N PHE C 393 8.71 -13.59 -11.80
CA PHE C 393 7.76 -13.47 -10.72
C PHE C 393 8.28 -12.72 -9.50
N SER C 394 9.60 -12.64 -9.33
CA SER C 394 10.11 -11.92 -8.17
C SER C 394 9.80 -10.43 -8.30
N LYS C 395 9.80 -9.92 -9.52
CA LYS C 395 9.48 -8.52 -9.74
C LYS C 395 8.06 -8.23 -9.27
N ARG C 396 7.16 -9.17 -9.55
CA ARG C 396 5.75 -9.06 -9.17
C ARG C 396 5.55 -9.20 -7.69
N ARG C 397 6.30 -10.11 -7.05
CA ARG C 397 6.17 -10.28 -5.60
C ARG C 397 6.57 -8.96 -4.91
N LYS C 398 7.53 -8.23 -5.48
CA LYS C 398 7.95 -6.96 -4.90
C LYS C 398 6.89 -5.86 -5.07
N VAL C 399 6.24 -5.79 -6.23
CA VAL C 399 5.22 -4.77 -6.39
C VAL C 399 4.05 -5.09 -5.46
N ALA C 400 3.71 -6.37 -5.36
CA ALA C 400 2.61 -6.80 -4.52
C ALA C 400 2.92 -6.59 -3.05
N GLU C 401 4.20 -6.65 -2.69
CA GLU C 401 4.54 -6.42 -1.30
C GLU C 401 4.18 -4.96 -0.97
N ILE C 402 4.49 -4.06 -1.88
CA ILE C 402 4.17 -2.66 -1.66
C ILE C 402 2.66 -2.42 -1.67
N THR C 403 1.93 -2.95 -2.65
CA THR C 403 0.49 -2.72 -2.65
C THR C 403 -0.14 -3.36 -1.40
N GLY C 404 0.46 -4.43 -0.91
CA GLY C 404 -0.05 -5.06 0.30
C GLY C 404 0.13 -4.18 1.53
N GLU C 405 1.23 -3.44 1.61
CA GLU C 405 1.45 -2.53 2.75
C GLU C 405 0.39 -1.44 2.73
N ILE C 406 0.18 -0.89 1.54
CA ILE C 406 -0.81 0.16 1.36
C ILE C 406 -2.17 -0.36 1.86
N GLN C 407 -2.56 -1.57 1.46
CA GLN C 407 -3.85 -2.12 1.87
C GLN C 407 -3.94 -2.35 3.37
N GLN C 408 -2.84 -2.76 4.00
CA GLN C 408 -2.85 -3.00 5.43
C GLN C 408 -3.26 -1.72 6.20
N TYR C 409 -2.80 -0.57 5.73
CA TYR C 409 -3.18 0.68 6.38
C TYR C 409 -4.54 1.20 5.93
N GLN C 410 -5.15 0.54 4.95
CA GLN C 410 -6.47 1.00 4.50
C GLN C 410 -7.61 0.36 5.31
N ASN C 411 -7.30 -0.60 6.16
CA ASN C 411 -8.33 -1.27 6.94
C ASN C 411 -8.92 -0.57 8.17
N GLN C 412 -8.09 0.08 8.97
CA GLN C 412 -8.53 0.74 10.19
C GLN C 412 -9.22 2.09 10.01
N PRO C 413 -10.48 2.18 10.42
CA PRO C 413 -11.21 3.44 10.28
C PRO C 413 -10.98 4.34 11.48
N TYR C 414 -11.14 5.64 11.29
CA TYR C 414 -10.97 6.64 12.36
C TYR C 414 -12.23 6.75 13.21
N CYS C 415 -12.07 6.86 14.52
CA CYS C 415 -13.25 7.02 15.37
C CYS C 415 -13.47 8.53 15.62
N LEU C 416 -13.96 9.22 14.58
CA LEU C 416 -14.24 10.66 14.62
C LEU C 416 -15.55 10.93 13.90
N ARG C 417 -16.34 11.89 14.39
CA ARG C 417 -17.63 12.23 13.78
C ARG C 417 -17.44 13.23 12.66
N VAL C 418 -18.11 12.97 11.54
CA VAL C 418 -18.05 13.86 10.39
C VAL C 418 -18.93 15.05 10.70
N GLU C 419 -18.51 16.22 10.22
CA GLU C 419 -19.27 17.45 10.40
C GLU C 419 -19.51 17.90 8.96
N SER C 420 -20.70 17.58 8.46
CA SER C 420 -21.11 17.87 7.08
C SER C 420 -20.66 19.21 6.49
N ASP C 421 -21.02 20.30 7.15
CA ASP C 421 -20.63 21.62 6.70
C ASP C 421 -19.12 21.88 6.65
N ILE C 422 -18.36 21.42 7.65
CA ILE C 422 -16.92 21.66 7.64
C ILE C 422 -16.29 20.83 6.51
N LYS C 423 -16.76 19.60 6.36
CA LYS C 423 -16.29 18.72 5.31
C LYS C 423 -16.54 19.39 3.96
N ARG C 424 -17.73 19.97 3.79
CA ARG C 424 -18.12 20.65 2.55
C ARG C 424 -17.16 21.82 2.30
N PHE C 425 -16.91 22.59 3.35
CA PHE C 425 -15.99 23.72 3.27
C PHE C 425 -14.65 23.26 2.72
N PHE C 426 -14.09 22.19 3.29
CA PHE C 426 -12.80 21.73 2.81
C PHE C 426 -12.83 21.02 1.47
N GLU C 427 -13.98 20.46 1.10
CA GLU C 427 -14.07 19.81 -0.20
C GLU C 427 -14.11 20.85 -1.31
N ASN C 428 -14.67 22.02 -1.01
CA ASN C 428 -14.79 23.10 -1.98
C ASN C 428 -13.63 24.11 -2.01
N LEU C 429 -12.59 23.88 -1.20
CA LEU C 429 -11.46 24.79 -1.20
C LEU C 429 -10.85 24.87 -2.59
N ASN C 430 -10.64 26.08 -3.09
CA ASN C 430 -10.05 26.27 -4.40
C ASN C 430 -9.22 27.55 -4.33
N PRO C 431 -7.99 27.41 -3.82
CA PRO C 431 -7.05 28.53 -3.67
C PRO C 431 -6.63 29.19 -4.98
N MET C 432 -6.43 28.36 -6.00
CA MET C 432 -6.00 28.87 -7.29
C MET C 432 -7.06 29.63 -8.06
N GLY C 433 -8.32 29.41 -7.69
CA GLY C 433 -9.38 30.08 -8.42
C GLY C 433 -9.34 29.59 -9.86
N ASN C 434 -9.57 30.47 -10.83
CA ASN C 434 -9.54 30.06 -12.23
C ASN C 434 -8.21 30.42 -12.87
N SER C 435 -7.25 30.72 -12.02
CA SER C 435 -5.91 31.09 -12.45
C SER C 435 -5.05 29.84 -12.75
N MET C 436 -4.13 29.96 -13.70
CA MET C 436 -3.26 28.82 -14.02
C MET C 436 -2.15 28.69 -12.96
N GLU C 437 -1.54 27.50 -12.88
CA GLU C 437 -0.51 27.23 -11.90
C GLU C 437 0.61 28.26 -11.84
N LYS C 438 1.27 28.49 -12.97
CA LYS C 438 2.38 29.45 -13.05
C LYS C 438 2.00 30.83 -12.50
N GLU C 439 0.87 31.35 -12.96
CA GLU C 439 0.36 32.65 -12.53
C GLU C 439 0.15 32.72 -11.02
N PHE C 440 -0.52 31.71 -10.48
CA PHE C 440 -0.80 31.67 -9.04
C PHE C 440 0.49 31.55 -8.22
N THR C 441 1.37 30.66 -8.67
CA THR C 441 2.64 30.44 -8.01
C THR C 441 3.40 31.76 -7.96
N ASP C 442 3.46 32.46 -9.10
CA ASP C 442 4.14 33.74 -9.15
C ASP C 442 3.44 34.78 -8.26
N TYR C 443 2.11 34.73 -8.22
CA TYR C 443 1.36 35.65 -7.36
C TYR C 443 1.77 35.48 -5.89
N LEU C 444 1.86 34.24 -5.43
CA LEU C 444 2.24 33.97 -4.04
C LEU C 444 3.62 34.48 -3.74
N PHE C 445 4.57 34.20 -4.62
CA PHE C 445 5.94 34.65 -4.41
C PHE C 445 6.03 36.18 -4.45
N ASN C 446 5.28 36.83 -5.33
CA ASN C 446 5.33 38.28 -5.37
C ASN C 446 4.74 38.86 -4.09
N LYS C 447 3.70 38.22 -3.56
CA LYS C 447 3.09 38.66 -2.31
C LYS C 447 4.11 38.55 -1.18
N SER C 448 4.92 37.49 -1.24
CA SER C 448 5.94 37.28 -0.23
C SER C 448 6.95 38.43 -0.30
N LEU C 449 7.36 38.81 -1.50
CA LEU C 449 8.30 39.91 -1.67
C LEU C 449 7.70 41.21 -1.14
N GLU C 450 6.41 41.41 -1.34
CA GLU C 450 5.72 42.61 -0.88
C GLU C 450 5.70 42.73 0.64
N ILE C 451 5.27 41.66 1.31
CA ILE C 451 5.17 41.70 2.76
C ILE C 451 6.51 41.67 3.52
N GLU C 452 7.52 41.04 2.92
CA GLU C 452 8.84 40.98 3.51
C GLU C 452 9.89 41.13 2.40
N PRO C 453 10.14 42.37 1.97
CA PRO C 453 11.10 42.70 0.92
C PRO C 453 12.48 42.13 1.14
N ARG C 454 13.21 41.90 0.05
CA ARG C 454 14.57 41.37 0.17
C ARG C 454 15.44 42.48 0.74
N ASN C 455 16.47 42.09 1.48
CA ASN C 455 17.39 43.06 2.04
C ASN C 455 18.17 43.65 0.87
N PRO C 456 18.67 44.89 1.03
CA PRO C 456 18.54 45.76 2.21
C PRO C 456 17.25 46.58 2.29
N LYS C 457 16.26 46.24 1.49
CA LYS C 457 15.02 47.01 1.53
C LYS C 457 14.34 46.83 2.90
N PRO C 458 13.89 47.95 3.49
CA PRO C 458 13.24 47.97 4.79
C PRO C 458 11.87 47.28 4.85
N LEU C 459 11.53 46.75 6.01
CA LEU C 459 10.26 46.07 6.20
C LEU C 459 9.15 47.09 6.41
N PRO C 460 8.13 47.07 5.53
CA PRO C 460 7.02 48.02 5.66
C PRO C 460 5.98 47.53 6.67
N ARG C 461 4.96 48.35 6.91
CA ARG C 461 3.89 48.02 7.83
C ARG C 461 2.57 47.91 7.03
N PHE C 462 1.67 47.08 7.53
CA PHE C 462 0.40 46.88 6.85
C PHE C 462 -0.71 46.87 7.89
N PRO C 463 -1.93 47.26 7.49
CA PRO C 463 -3.08 47.30 8.40
C PRO C 463 -3.65 45.89 8.65
N LYS C 464 -4.36 45.76 9.78
CA LYS C 464 -5.00 44.50 10.18
C LYS C 464 -6.17 44.21 9.25
N LYS C 465 -6.42 42.93 8.96
CA LYS C 465 -7.55 42.53 8.10
C LYS C 465 -8.58 41.70 8.87
N TYR C 466 -8.25 41.27 10.08
CA TYR C 466 -9.20 40.46 10.84
C TYR C 466 -9.91 41.22 11.95
N SER C 467 -11.24 41.15 11.94
CA SER C 467 -12.05 41.85 12.94
C SER C 467 -12.44 41.02 14.17
N TYR C 468 -11.91 39.81 14.28
CA TYR C 468 -12.20 38.95 15.43
C TYR C 468 -10.90 38.60 16.17
N PRO C 469 -10.99 38.23 17.46
CA PRO C 469 -9.79 37.88 18.23
C PRO C 469 -8.95 36.79 17.57
N LEU C 470 -7.64 37.02 17.57
CA LEU C 470 -6.70 36.09 16.95
C LEU C 470 -6.16 35.02 17.92
N LYS C 471 -6.56 35.09 19.18
CA LYS C 471 -6.09 34.12 20.16
C LYS C 471 -6.60 32.71 19.85
N SER C 472 -5.70 31.75 19.83
CA SER C 472 -6.06 30.39 19.54
C SER C 472 -6.74 29.72 20.75
N PRO C 473 -7.75 28.88 20.51
CA PRO C 473 -8.38 28.24 21.65
C PRO C 473 -7.51 27.08 22.14
N GLY C 474 -6.42 26.83 21.43
CA GLY C 474 -5.53 25.74 21.81
C GLY C 474 -5.94 24.41 21.19
N VAL C 475 -5.10 23.39 21.35
CA VAL C 475 -5.38 22.07 20.78
C VAL C 475 -5.64 20.95 21.78
N ARG C 476 -5.99 21.32 23.00
CA ARG C 476 -6.31 20.34 24.01
C ARG C 476 -7.82 20.21 24.00
N PRO C 477 -8.35 19.01 23.73
CA PRO C 477 -9.81 18.84 23.70
C PRO C 477 -10.50 19.07 25.06
N SER C 478 -11.74 19.55 24.99
CA SER C 478 -12.58 19.83 26.16
C SER C 478 -13.55 18.66 26.30
N ASN C 479 -13.99 18.36 27.52
CA ASN C 479 -14.88 17.23 27.70
C ASN C 479 -16.24 17.45 28.35
N PRO C 480 -17.18 18.02 27.57
CA PRO C 480 -18.58 18.32 27.91
C PRO C 480 -19.44 17.89 26.70
N ARG C 481 -20.70 17.54 26.91
CA ARG C 481 -21.59 17.14 25.80
C ARG C 481 -23.06 16.95 26.17
MG MG D . -14.98 -18.49 7.23
P PO4 E . -6.73 -6.48 25.53
O1 PO4 E . -7.56 -6.03 24.39
O2 PO4 E . -5.49 -5.64 25.61
O3 PO4 E . -7.51 -6.34 26.79
O4 PO4 E . -6.34 -7.90 25.33
PG GNP F . -16.35 -21.38 7.62
O1G GNP F . -17.30 -22.11 6.69
O2G GNP F . -15.43 -20.50 6.83
O3G GNP F . -15.57 -22.30 8.45
N3B GNP F . -17.42 -20.42 8.56
PB GNP F . -16.88 -19.36 9.77
O1B GNP F . -16.53 -20.12 10.97
O2B GNP F . -15.84 -18.51 9.13
O3A GNP F . -18.19 -18.51 10.06
PA GNP F . -18.57 -17.12 9.53
O1A GNP F . -17.65 -16.08 10.05
O2A GNP F . -18.72 -17.29 8.03
O5' GNP F . -19.94 -16.89 10.16
C5' GNP F . -21.09 -17.73 9.86
C4' GNP F . -22.38 -17.06 10.24
O4' GNP F . -22.50 -16.74 11.59
C3' GNP F . -22.59 -15.70 9.50
O3' GNP F . -23.95 -15.56 9.04
C2' GNP F . -22.23 -14.66 10.57
O2' GNP F . -22.78 -13.39 10.35
C1' GNP F . -22.74 -15.36 11.79
N9 GNP F . -21.99 -14.92 12.98
C8 GNP F . -20.53 -15.04 13.12
N7 GNP F . -20.11 -14.58 14.27
C5 GNP F . -21.37 -14.14 14.95
C6 GNP F . -21.52 -13.53 16.27
O6 GNP F . -20.71 -13.28 17.07
N1 GNP F . -22.87 -13.26 16.54
C2 GNP F . -23.82 -13.56 15.58
N2 GNP F . -25.12 -13.18 16.08
N3 GNP F . -23.76 -14.08 14.40
C4 GNP F . -22.44 -14.36 14.14
P PO4 G . 10.02 9.27 -14.81
O1 PO4 G . 10.68 10.53 -15.23
O2 PO4 G . 10.96 8.47 -13.96
O3 PO4 G . 8.80 9.59 -14.02
O4 PO4 G . 9.64 8.47 -16.00
P PO4 H . -7.08 -10.76 -3.00
O1 PO4 H . -6.66 -9.91 -4.15
O2 PO4 H . -6.75 -10.08 -1.74
O3 PO4 H . -8.55 -11.00 -3.08
O4 PO4 H . -6.37 -12.07 -3.07
P PO4 I . -1.55 16.84 -15.09
O1 PO4 I . -0.59 16.50 -16.17
O2 PO4 I . -1.13 18.09 -14.41
O3 PO4 I . -2.90 17.04 -15.68
O4 PO4 I . -1.62 15.73 -14.10
P PO4 J . -8.88 -52.86 -19.73
O1 PO4 J . -8.97 -51.97 -20.92
O2 PO4 J . -8.89 -52.03 -18.49
O3 PO4 J . -10.03 -53.80 -19.72
O4 PO4 J . -7.62 -53.64 -19.79
#